data_8BBJ
#
_entry.id   8BBJ
#
_cell.length_a   79.409
_cell.length_b   103.134
_cell.length_c   121.656
_cell.angle_alpha   90.00
_cell.angle_beta   90.00
_cell.angle_gamma   90.00
#
_symmetry.space_group_name_H-M   'P 21 21 21'
#
loop_
_entity.id
_entity.type
_entity.pdbx_description
1 polymer 'Green fluorescent protein,Syntaxin-4'
2 polymer Secretagogin
3 non-polymer 'CALCIUM ION'
4 non-polymer 'CACODYLATE ION'
5 water water
#
loop_
_entity_poly.entity_id
_entity_poly.type
_entity_poly.pdbx_seq_one_letter_code
_entity_poly.pdbx_strand_id
1 'polypeptide(L)'
;SMASKGEELFTGVVPILVELDGDVNGHKFSVSGEGEGDATYGKLTLKFICTTGKLPVPWPTLVTTL(CRO)VQCFSRYPD
HMKRHDFFKSAMPEGYVQERTIFFKDDGNYKTRAEVKFEGDTLVNRIELKGIDFKEDGNILGHKLEYNYNSHNVYIMADK
QKNGIKVNFKTRHNIEDGSVQLADHYQQNTPIGDGPVLLPDNHYLSTQSALSKDPNEKRDHMVLLEFVTAAGTMAGLQNL
REEIKQLGREVRAQLKAIEPQKE
;
A,B
2 'polypeptide(L)'
;SMAEDENFLLFFRLETPLDNSVEFMQIWRKYDADSSGFISAAELCNFLRDLFLHHKKNISEAELEEYTSTMMKIFDKNKD
GRLDLNDLARILALQENFLLQFKMDASSTEERKRDFEKIFAHYDVSKTGALEGPEVDGFVKDMMELVQPSISGVDLDKFR
EILLRHCDVNKDGKIQKSELALCLGLKINP
;
C,D
#
loop_
_chem_comp.id
_chem_comp.type
_chem_comp.name
_chem_comp.formula
CA non-polymer 'CALCIUM ION' 'Ca 2'
CAC non-polymer 'CACODYLATE ION' 'C2 H6 As O2 -1'
#
# COMPACT_ATOMS: atom_id res chain seq x y z
N SER A 4 -12.57 8.55 22.91
CA SER A 4 -12.66 7.67 24.08
C SER A 4 -11.57 8.01 25.09
N LYS A 5 -11.87 7.83 26.38
CA LYS A 5 -10.97 8.30 27.43
C LYS A 5 -9.62 7.57 27.37
N GLY A 6 -9.64 6.26 27.17
CA GLY A 6 -8.39 5.55 26.94
C GLY A 6 -7.66 6.09 25.73
N GLU A 7 -8.35 6.14 24.59
CA GLU A 7 -7.82 6.78 23.40
C GLU A 7 -7.40 8.23 23.66
N GLU A 8 -7.97 8.86 24.69
CA GLU A 8 -7.60 10.24 25.01
C GLU A 8 -6.24 10.33 25.67
N LEU A 9 -5.79 9.28 26.35
CA LEU A 9 -4.56 9.35 27.11
C LEU A 9 -3.31 9.39 26.23
N PHE A 10 -3.43 9.09 24.95
CA PHE A 10 -2.29 9.01 24.06
C PHE A 10 -2.30 10.11 23.01
N THR A 11 -2.89 11.28 23.34
CA THR A 11 -2.96 12.42 22.42
C THR A 11 -1.58 13.00 22.13
N GLY A 12 -0.81 13.32 23.17
CA GLY A 12 0.50 13.88 23.03
C GLY A 12 1.59 12.86 23.28
N VAL A 13 2.74 13.35 23.76
CA VAL A 13 3.88 12.51 24.08
C VAL A 13 3.75 12.06 25.54
N VAL A 14 3.91 10.76 25.77
CA VAL A 14 3.74 10.14 27.07
C VAL A 14 5.09 9.61 27.53
N PRO A 15 5.57 9.97 28.71
CA PRO A 15 6.80 9.36 29.22
C PRO A 15 6.59 7.90 29.59
N ILE A 16 7.63 7.11 29.38
CA ILE A 16 7.57 5.65 29.51
C ILE A 16 8.64 5.18 30.47
N LEU A 17 8.29 4.22 31.32
CA LEU A 17 9.24 3.58 32.21
C LEU A 17 9.08 2.08 32.07
N VAL A 18 10.19 1.35 32.02
CA VAL A 18 10.18 -0.10 31.81
C VAL A 18 11.16 -0.75 32.77
N GLU A 19 10.71 -1.78 33.49
CA GLU A 19 11.55 -2.52 34.43
C GLU A 19 11.36 -4.01 34.22
N LEU A 20 12.45 -4.70 33.86
CA LEU A 20 12.43 -6.14 33.61
C LEU A 20 13.37 -6.83 34.60
N ASP A 21 12.92 -7.94 35.16
CA ASP A 21 13.75 -8.79 36.01
C ASP A 21 13.65 -10.22 35.51
N GLY A 22 14.78 -10.80 35.13
CA GLY A 22 14.79 -12.01 34.34
C GLY A 22 15.59 -13.13 34.96
N ASP A 23 15.22 -14.35 34.57
CA ASP A 23 15.83 -15.59 35.02
C ASP A 23 15.93 -16.49 33.79
N VAL A 24 17.13 -16.66 33.25
CA VAL A 24 17.30 -17.49 32.06
C VAL A 24 18.46 -18.45 32.30
N ASN A 25 18.13 -19.75 32.45
CA ASN A 25 19.11 -20.80 32.70
C ASN A 25 19.96 -20.50 33.93
N GLY A 26 19.34 -19.89 34.94
CA GLY A 26 19.96 -19.60 36.20
C GLY A 26 20.52 -18.18 36.34
N HIS A 27 20.98 -17.60 35.23
CA HIS A 27 21.59 -16.27 35.29
C HIS A 27 20.52 -15.21 35.55
N LYS A 28 20.70 -14.45 36.62
CA LYS A 28 19.78 -13.38 36.98
C LYS A 28 20.29 -12.04 36.45
N PHE A 29 19.37 -11.21 35.98
CA PHE A 29 19.70 -9.89 35.47
C PHE A 29 18.48 -9.00 35.58
N SER A 30 18.70 -7.69 35.42
CA SER A 30 17.63 -6.71 35.42
C SER A 30 17.91 -5.66 34.35
N VAL A 31 16.83 -5.07 33.84
CA VAL A 31 16.89 -4.04 32.80
C VAL A 31 15.95 -2.92 33.19
N SER A 32 16.45 -1.69 33.11
CA SER A 32 15.64 -0.49 33.32
C SER A 32 15.56 0.29 32.01
N GLY A 33 14.36 0.77 31.70
CA GLY A 33 14.13 1.46 30.44
C GLY A 33 13.43 2.79 30.63
N GLU A 34 13.94 3.81 29.94
CA GLU A 34 13.34 5.13 29.93
C GLU A 34 13.09 5.57 28.50
N GLY A 35 12.09 6.43 28.33
CA GLY A 35 11.83 6.99 27.01
C GLY A 35 10.50 7.71 26.97
N GLU A 36 9.89 7.69 25.78
CA GLU A 36 8.57 8.28 25.59
C GLU A 36 7.97 7.73 24.32
N GLY A 37 6.65 7.75 24.26
CA GLY A 37 5.91 7.25 23.11
C GLY A 37 4.97 8.30 22.55
N ASP A 38 4.82 8.27 21.22
CA ASP A 38 3.93 9.20 20.50
C ASP A 38 2.98 8.35 19.65
N ALA A 39 1.79 8.08 20.18
CA ALA A 39 0.85 7.19 19.51
C ALA A 39 0.29 7.81 18.24
N THR A 40 0.22 9.14 18.16
CA THR A 40 -0.28 9.79 16.95
C THR A 40 0.54 9.37 15.74
N TYR A 41 1.84 9.14 15.94
CA TYR A 41 2.76 8.70 14.89
C TYR A 41 3.20 7.24 15.06
N GLY A 42 2.68 6.54 16.08
CA GLY A 42 3.16 5.20 16.35
C GLY A 42 4.65 5.11 16.59
N LYS A 43 5.21 6.09 17.30
CA LYS A 43 6.65 6.20 17.47
C LYS A 43 7.04 5.91 18.91
N LEU A 44 8.16 5.21 19.09
CA LEU A 44 8.74 4.95 20.41
C LEU A 44 10.25 5.15 20.36
N THR A 45 10.74 6.06 21.19
CA THR A 45 12.18 6.19 21.45
C THR A 45 12.41 5.72 22.89
N LEU A 46 13.31 4.75 23.07
CA LEU A 46 13.59 4.24 24.40
C LEU A 46 15.06 3.91 24.54
N LYS A 47 15.58 4.10 25.75
CA LYS A 47 16.92 3.67 26.11
C LYS A 47 16.80 2.65 27.23
N PHE A 48 17.45 1.50 27.03
CA PHE A 48 17.45 0.42 28.02
C PHE A 48 18.87 0.21 28.54
N ILE A 49 18.96 -0.11 29.82
CA ILE A 49 20.24 -0.27 30.50
C ILE A 49 20.16 -1.51 31.37
N CYS A 50 21.17 -2.37 31.28
CA CYS A 50 21.26 -3.52 32.18
C CYS A 50 21.97 -3.09 33.45
N THR A 51 21.29 -3.22 34.58
CA THR A 51 21.79 -2.74 35.87
C THR A 51 22.68 -3.75 36.58
N THR A 52 22.75 -4.99 36.12
CA THR A 52 23.52 -6.05 36.75
C THR A 52 24.82 -6.34 36.00
N GLY A 53 25.32 -5.40 35.22
CA GLY A 53 26.53 -5.64 34.46
C GLY A 53 26.23 -6.23 33.09
N LYS A 54 27.05 -7.18 32.65
CA LYS A 54 26.87 -7.76 31.32
C LYS A 54 25.56 -8.54 31.24
N LEU A 55 24.87 -8.39 30.11
CA LEU A 55 23.60 -9.08 29.88
C LEU A 55 23.86 -10.50 29.40
N PRO A 56 23.21 -11.52 29.98
CA PRO A 56 23.51 -12.91 29.59
C PRO A 56 22.88 -13.35 28.29
N VAL A 57 22.01 -12.53 27.70
CA VAL A 57 21.36 -12.86 26.44
C VAL A 57 21.52 -11.66 25.51
N PRO A 58 21.46 -11.86 24.20
CA PRO A 58 21.62 -10.72 23.29
C PRO A 58 20.42 -9.79 23.35
N TRP A 59 20.70 -8.51 23.16
CA TRP A 59 19.64 -7.49 23.19
C TRP A 59 18.50 -7.72 22.22
N PRO A 60 18.71 -8.15 20.96
CA PRO A 60 17.57 -8.34 20.06
C PRO A 60 16.56 -9.37 20.55
N THR A 61 16.97 -10.33 21.38
CA THR A 61 16.02 -11.32 21.90
C THR A 61 15.07 -10.72 22.93
N LEU A 62 15.29 -9.46 23.34
CA LEU A 62 14.45 -8.81 24.34
C LEU A 62 13.59 -7.69 23.79
N VAL A 63 13.80 -7.28 22.54
CA VAL A 63 13.03 -6.17 21.96
C VAL A 63 11.54 -6.40 22.12
N THR A 64 11.06 -7.60 21.82
CA THR A 64 9.63 -7.88 21.93
C THR A 64 9.13 -7.73 23.37
N THR A 65 9.89 -8.25 24.33
CA THR A 65 9.43 -8.20 25.71
C THR A 65 9.55 -6.79 26.29
N LEU A 66 10.66 -6.11 26.02
CA LEU A 66 10.85 -4.75 26.48
C LEU A 66 9.91 -3.79 25.75
N1 CRO A 67 9.95 -3.73 24.33
CA1 CRO A 67 8.90 -2.91 23.74
CB1 CRO A 67 9.51 -1.97 22.70
CG1 CRO A 67 8.43 -1.20 21.93
OG1 CRO A 67 10.29 -1.04 23.40
C1 CRO A 67 7.84 -3.81 23.13
N2 CRO A 67 7.81 -4.28 21.78
N3 CRO A 67 6.73 -4.32 23.92
C2 CRO A 67 5.94 -5.16 22.98
O2 CRO A 67 4.95 -5.75 23.21
CA2 CRO A 67 6.66 -5.11 21.62
CA3 CRO A 67 6.48 -4.05 25.32
C3 CRO A 67 4.98 -3.99 25.60
O3 CRO A 67 4.43 -4.85 26.33
CB2 CRO A 67 6.25 -5.74 20.53
CG2 CRO A 67 7.08 -5.98 19.28
CD1 CRO A 67 8.25 -5.27 19.02
CD2 CRO A 67 6.64 -6.94 18.38
CE1 CRO A 67 8.98 -5.53 17.86
CE2 CRO A 67 7.36 -7.19 17.23
CZ CRO A 67 8.53 -6.48 16.97
OH CRO A 67 9.25 -6.74 15.81
N VAL A 68 4.07 -2.91 25.41
CA VAL A 68 3.84 -1.48 25.41
C VAL A 68 3.26 -1.09 24.04
N GLN A 69 2.58 -2.05 23.42
CA GLN A 69 1.93 -1.88 22.12
C GLN A 69 0.73 -0.94 22.15
N CYS A 70 0.52 -0.18 23.22
CA CYS A 70 -0.53 0.85 23.25
C CYS A 70 -0.13 2.12 22.52
N PHE A 71 1.11 2.22 22.03
CA PHE A 71 1.56 3.39 21.29
C PHE A 71 1.49 3.18 19.78
N SER A 72 0.77 2.17 19.33
CA SER A 72 0.66 1.92 17.90
C SER A 72 -0.29 2.93 17.26
N ARG A 73 0.05 3.36 16.05
CA ARG A 73 -0.84 4.23 15.30
C ARG A 73 -1.97 3.39 14.74
N TYR A 74 -3.19 3.67 15.19
CA TYR A 74 -4.35 3.04 14.60
C TYR A 74 -4.99 4.00 13.62
N PRO A 75 -5.01 3.69 12.33
CA PRO A 75 -5.80 4.49 11.39
C PRO A 75 -7.20 4.68 11.93
N ASP A 76 -7.72 5.90 11.83
CA ASP A 76 -8.89 6.27 12.60
C ASP A 76 -10.15 5.50 12.21
N HIS A 77 -10.15 4.87 11.04
CA HIS A 77 -11.20 3.93 10.70
C HIS A 77 -10.91 2.52 11.22
N MET A 78 -9.91 2.38 12.11
CA MET A 78 -9.64 1.15 12.84
C MET A 78 -9.63 1.37 14.35
N LYS A 79 -10.04 2.56 14.82
CA LYS A 79 -9.99 2.85 16.25
C LYS A 79 -10.82 1.86 17.06
N ARG A 80 -11.89 1.34 16.46
CA ARG A 80 -12.73 0.33 17.10
C ARG A 80 -11.92 -0.91 17.47
N HIS A 81 -10.81 -1.16 16.79
CA HIS A 81 -9.98 -2.34 16.99
C HIS A 81 -8.83 -2.09 17.95
N ASP A 82 -8.66 -0.87 18.44
CA ASP A 82 -7.57 -0.52 19.36
C ASP A 82 -7.89 -1.12 20.71
N PHE A 83 -7.33 -2.29 21.00
CA PHE A 83 -7.62 -2.94 22.28
C PHE A 83 -6.70 -2.42 23.39
N PHE A 84 -5.43 -2.17 23.08
CA PHE A 84 -4.46 -1.85 24.11
C PHE A 84 -4.75 -0.50 24.77
N LYS A 85 -5.38 0.42 24.06
CA LYS A 85 -5.71 1.72 24.63
C LYS A 85 -7.09 1.74 25.29
N SER A 86 -7.94 0.76 24.98
CA SER A 86 -9.24 0.65 25.63
C SER A 86 -9.14 0.11 27.06
N ALA A 87 -8.02 -0.51 27.42
CA ALA A 87 -7.80 -1.04 28.76
C ALA A 87 -7.13 -0.04 29.68
N MET A 88 -6.97 1.20 29.26
CA MET A 88 -6.28 2.21 30.05
C MET A 88 -7.28 3.08 30.80
N PRO A 89 -6.88 3.71 31.92
CA PRO A 89 -5.53 3.66 32.53
C PRO A 89 -5.31 2.45 33.43
N GLU A 90 -6.32 1.59 33.54
CA GLU A 90 -6.22 0.44 34.42
C GLU A 90 -5.18 -0.56 33.91
N GLY A 91 -5.06 -0.70 32.59
CA GLY A 91 -3.99 -1.49 32.02
C GLY A 91 -4.38 -2.92 31.72
N TYR A 92 -3.36 -3.70 31.33
CA TYR A 92 -3.59 -5.07 30.93
C TYR A 92 -2.39 -5.92 31.30
N VAL A 93 -2.60 -7.24 31.29
CA VAL A 93 -1.55 -8.23 31.51
C VAL A 93 -1.13 -8.77 30.15
N GLN A 94 0.18 -8.80 29.89
CA GLN A 94 0.72 -9.40 28.67
C GLN A 94 1.55 -10.61 29.05
N GLU A 95 1.10 -11.79 28.64
CA GLU A 95 1.80 -13.05 28.89
C GLU A 95 2.30 -13.59 27.55
N ARG A 96 3.56 -14.02 27.52
CA ARG A 96 4.18 -14.53 26.31
C ARG A 96 4.89 -15.85 26.61
N THR A 97 4.89 -16.73 25.61
CA THR A 97 5.84 -17.84 25.53
C THR A 97 6.57 -17.67 24.21
N ILE A 98 7.90 -17.61 24.26
CA ILE A 98 8.72 -17.41 23.07
C ILE A 98 9.58 -18.66 22.90
N PHE A 99 9.25 -19.45 21.88
CA PHE A 99 10.02 -20.65 21.56
C PHE A 99 11.09 -20.31 20.53
N PHE A 100 12.35 -20.48 20.92
CA PHE A 100 13.46 -20.38 19.99
C PHE A 100 13.73 -21.76 19.42
N LYS A 101 13.60 -21.89 18.10
CA LYS A 101 13.76 -23.19 17.47
C LYS A 101 15.16 -23.74 17.72
N ASP A 102 15.22 -24.99 18.19
CA ASP A 102 16.47 -25.66 18.55
C ASP A 102 17.15 -25.02 19.76
N ASP A 103 16.37 -24.45 20.67
CA ASP A 103 16.93 -23.78 21.83
C ASP A 103 15.84 -23.67 22.90
N GLY A 104 16.05 -22.78 23.87
CA GLY A 104 15.19 -22.67 25.02
C GLY A 104 13.93 -21.88 24.75
N ASN A 105 13.32 -21.41 25.82
CA ASN A 105 12.09 -20.63 25.71
C ASN A 105 11.98 -19.65 26.87
N TYR A 106 11.61 -18.42 26.54
CA TYR A 106 11.22 -17.42 27.52
C TYR A 106 9.73 -17.54 27.79
N LYS A 107 9.34 -17.38 29.05
CA LYS A 107 7.94 -17.11 29.40
C LYS A 107 7.92 -15.86 30.26
N THR A 108 7.19 -14.86 29.80
CA THR A 108 7.16 -13.54 30.44
C THR A 108 5.74 -13.24 30.88
N ARG A 109 5.63 -12.58 32.02
CA ARG A 109 4.39 -11.99 32.46
C ARG A 109 4.65 -10.51 32.72
N ALA A 110 3.75 -9.65 32.26
CA ALA A 110 3.97 -8.22 32.33
C ALA A 110 2.68 -7.48 32.63
N GLU A 111 2.78 -6.43 33.45
CA GLU A 111 1.70 -5.50 33.69
C GLU A 111 2.06 -4.18 33.03
N VAL A 112 1.20 -3.69 32.15
CA VAL A 112 1.38 -2.39 31.50
C VAL A 112 0.21 -1.53 31.94
N LYS A 113 0.49 -0.50 32.74
CA LYS A 113 -0.56 0.33 33.29
C LYS A 113 -0.05 1.76 33.42
N PHE A 114 -0.97 2.68 33.65
CA PHE A 114 -0.60 4.06 33.94
C PHE A 114 -0.35 4.20 35.44
N GLU A 115 0.83 4.71 35.80
CA GLU A 115 1.15 5.09 37.17
C GLU A 115 1.33 6.60 37.17
N GLY A 116 0.22 7.31 37.30
CA GLY A 116 0.25 8.76 37.13
C GLY A 116 0.14 9.11 35.68
N ASP A 117 1.03 9.98 35.21
CA ASP A 117 1.09 10.35 33.80
C ASP A 117 2.10 9.51 33.02
N THR A 118 2.72 8.53 33.67
CA THR A 118 3.78 7.72 33.07
C THR A 118 3.25 6.32 32.77
N LEU A 119 3.48 5.86 31.54
CA LEU A 119 3.14 4.50 31.17
C LEU A 119 4.25 3.56 31.61
N VAL A 120 3.90 2.50 32.33
CA VAL A 120 4.87 1.66 33.01
C VAL A 120 4.69 0.21 32.58
N ASN A 121 5.82 -0.47 32.33
CA ASN A 121 5.84 -1.87 31.92
C ASN A 121 6.77 -2.62 32.87
N ARG A 122 6.20 -3.44 33.74
CA ARG A 122 6.96 -4.23 34.71
C ARG A 122 6.86 -5.70 34.32
N ILE A 123 8.00 -6.33 34.08
CA ILE A 123 8.06 -7.66 33.48
C ILE A 123 8.88 -8.59 34.35
N GLU A 124 8.37 -9.79 34.56
CA GLU A 124 9.14 -10.93 35.07
C GLU A 124 9.34 -11.89 33.90
N LEU A 125 10.57 -12.38 33.74
CA LEU A 125 10.92 -13.27 32.64
C LEU A 125 11.60 -14.52 33.19
N LYS A 126 11.24 -15.67 32.64
CA LYS A 126 11.88 -16.94 32.96
C LYS A 126 12.27 -17.64 31.66
N GLY A 127 13.57 -17.84 31.47
CA GLY A 127 14.09 -18.61 30.35
C GLY A 127 14.66 -19.91 30.85
N ILE A 128 14.27 -21.01 30.19
CA ILE A 128 14.69 -22.35 30.61
C ILE A 128 15.08 -23.16 29.40
N ASP A 129 15.84 -24.22 29.65
CA ASP A 129 16.26 -25.21 28.66
C ASP A 129 17.15 -24.62 27.56
N PHE A 130 17.70 -23.42 27.75
CA PHE A 130 18.57 -22.88 26.72
C PHE A 130 19.87 -23.65 26.64
N LYS A 131 20.53 -23.49 25.51
CA LYS A 131 21.74 -24.22 25.29
C LYS A 131 22.91 -23.28 25.35
N GLU A 132 23.86 -23.62 26.22
CA GLU A 132 24.85 -22.68 26.70
C GLU A 132 25.62 -22.02 25.57
N ASP A 133 25.83 -22.73 24.47
CA ASP A 133 26.37 -22.11 23.27
C ASP A 133 25.43 -22.26 22.08
N GLY A 134 24.12 -22.25 22.33
CA GLY A 134 23.20 -21.81 21.32
C GLY A 134 23.44 -20.34 21.03
N ASN A 135 22.69 -19.81 20.05
CA ASN A 135 22.92 -18.44 19.63
C ASN A 135 22.57 -17.42 20.72
N ILE A 136 21.78 -17.81 21.71
CA ILE A 136 21.35 -16.89 22.76
C ILE A 136 22.44 -16.76 23.81
N LEU A 137 22.71 -17.84 24.54
CA LEU A 137 23.73 -17.80 25.58
C LEU A 137 25.13 -17.61 25.00
N GLY A 138 25.34 -17.95 23.73
CA GLY A 138 26.61 -17.74 23.07
C GLY A 138 26.80 -16.36 22.50
N HIS A 139 25.75 -15.52 22.55
CA HIS A 139 25.81 -14.14 22.05
C HIS A 139 26.26 -14.09 20.59
N LYS A 140 25.57 -14.87 19.75
CA LYS A 140 25.90 -15.01 18.34
C LYS A 140 24.95 -14.24 17.43
N LEU A 141 24.10 -13.40 17.97
CA LEU A 141 23.11 -12.70 17.17
C LEU A 141 23.63 -11.34 16.74
N GLU A 142 23.19 -10.90 15.57
CA GLU A 142 23.59 -9.61 15.02
C GLU A 142 22.77 -8.49 15.64
N TYR A 143 23.40 -7.32 15.75
CA TYR A 143 22.77 -6.21 16.45
C TYR A 143 21.92 -5.41 15.46
N ASN A 144 20.73 -5.93 15.21
CA ASN A 144 19.73 -5.26 14.38
C ASN A 144 18.40 -5.95 14.60
N TYR A 145 17.37 -5.46 13.91
CA TYR A 145 16.05 -6.04 13.98
C TYR A 145 15.41 -6.02 12.60
N ASN A 146 14.60 -7.04 12.32
CA ASN A 146 13.93 -7.19 11.04
C ASN A 146 12.44 -6.88 11.20
N SER A 147 11.94 -6.02 10.32
CA SER A 147 10.53 -5.65 10.38
C SER A 147 9.65 -6.84 9.99
N HIS A 148 8.43 -6.86 10.51
CA HIS A 148 7.48 -7.93 10.23
C HIS A 148 6.11 -7.48 10.71
N ASN A 149 5.12 -8.32 10.49
CA ASN A 149 3.76 -8.06 10.94
C ASN A 149 3.44 -8.86 12.20
N VAL A 150 2.50 -8.32 12.98
CA VAL A 150 2.09 -8.90 14.25
C VAL A 150 0.58 -9.14 14.16
N TYR A 151 0.18 -10.41 14.10
CA TYR A 151 -1.21 -10.75 13.80
C TYR A 151 -2.03 -10.85 15.08
N ILE A 152 -3.19 -10.18 15.07
CA ILE A 152 -4.03 -10.03 16.25
C ILE A 152 -5.39 -10.66 15.98
N MET A 153 -5.80 -11.56 16.87
CA MET A 153 -7.12 -12.20 16.82
C MET A 153 -7.81 -12.04 18.17
N ALA A 154 -9.14 -11.97 18.13
CA ALA A 154 -9.93 -11.85 19.33
C ALA A 154 -10.02 -13.18 20.07
N ASP A 155 -10.22 -13.10 21.39
CA ASP A 155 -10.37 -14.28 22.25
C ASP A 155 -11.54 -13.99 23.19
N LYS A 156 -12.76 -14.20 22.69
CA LYS A 156 -13.96 -13.97 23.48
C LYS A 156 -13.93 -14.75 24.78
N GLN A 157 -13.30 -15.92 24.78
CA GLN A 157 -13.19 -16.75 25.98
C GLN A 157 -12.58 -15.98 27.15
N LYS A 158 -11.38 -15.44 26.97
CA LYS A 158 -10.63 -14.80 28.04
C LYS A 158 -10.82 -13.29 28.09
N ASN A 159 -11.78 -12.74 27.34
CA ASN A 159 -12.02 -11.30 27.29
C ASN A 159 -10.74 -10.54 26.91
N GLY A 160 -10.00 -11.09 25.97
CA GLY A 160 -8.74 -10.50 25.54
C GLY A 160 -8.45 -10.86 24.10
N ILE A 161 -7.16 -10.86 23.74
CA ILE A 161 -6.73 -11.11 22.38
C ILE A 161 -5.60 -12.13 22.39
N LYS A 162 -5.61 -13.02 21.39
CA LYS A 162 -4.48 -13.89 21.11
C LYS A 162 -3.64 -13.25 20.02
N VAL A 163 -2.33 -13.28 20.21
CA VAL A 163 -1.39 -12.71 19.24
C VAL A 163 -0.31 -13.74 18.95
N ASN A 164 0.13 -13.77 17.70
CA ASN A 164 1.08 -14.77 17.25
C ASN A 164 1.88 -14.22 16.07
N PHE A 165 3.19 -14.42 16.11
CA PHE A 165 4.07 -13.97 15.04
C PHE A 165 5.41 -14.63 15.22
N LYS A 166 6.19 -14.66 14.14
CA LYS A 166 7.55 -15.19 14.16
C LYS A 166 8.51 -14.06 13.84
N THR A 167 9.54 -13.90 14.66
CA THR A 167 10.65 -13.03 14.29
C THR A 167 11.83 -13.88 13.85
N ARG A 168 12.72 -13.24 13.10
CA ARG A 168 13.91 -13.91 12.55
C ARG A 168 15.12 -13.06 12.88
N HIS A 169 16.05 -13.63 13.64
CA HIS A 169 17.24 -12.93 14.09
C HIS A 169 18.44 -13.41 13.28
N ASN A 170 19.07 -12.49 12.57
CA ASN A 170 20.24 -12.83 11.75
C ASN A 170 21.41 -13.23 12.63
N ILE A 171 22.26 -14.10 12.08
CA ILE A 171 23.50 -14.51 12.71
C ILE A 171 24.64 -14.11 11.79
N GLU A 172 25.84 -13.97 12.36
CA GLU A 172 27.03 -13.71 11.55
C GLU A 172 27.10 -14.65 10.35
N ASP A 173 26.66 -15.90 10.53
CA ASP A 173 26.77 -16.93 9.50
C ASP A 173 26.03 -16.57 8.22
N GLY A 174 25.17 -15.56 8.23
CA GLY A 174 24.10 -15.50 7.26
C GLY A 174 22.93 -16.39 7.59
N SER A 175 23.01 -17.15 8.68
CA SER A 175 21.89 -17.96 9.15
C SER A 175 20.83 -17.04 9.74
N VAL A 176 19.80 -17.65 10.33
CA VAL A 176 18.71 -16.93 10.95
C VAL A 176 18.17 -17.77 12.10
N GLN A 177 18.04 -17.15 13.27
CA GLN A 177 17.43 -17.80 14.43
C GLN A 177 15.94 -17.46 14.46
N LEU A 178 15.11 -18.49 14.47
CA LEU A 178 13.66 -18.28 14.46
C LEU A 178 13.12 -18.28 15.88
N ALA A 179 12.31 -17.29 16.20
CA ALA A 179 11.66 -17.18 17.50
C ALA A 179 10.15 -17.16 17.27
N ASP A 180 9.45 -18.08 17.90
CA ASP A 180 8.01 -18.25 17.70
C ASP A 180 7.30 -17.67 18.91
N HIS A 181 6.63 -16.54 18.71
CA HIS A 181 5.98 -15.82 19.79
C HIS A 181 4.52 -16.22 19.90
N TYR A 182 4.11 -16.59 21.11
CA TYR A 182 2.71 -16.86 21.44
C TYR A 182 2.35 -16.00 22.63
N GLN A 183 1.30 -15.19 22.51
CA GLN A 183 1.00 -14.25 23.58
C GLN A 183 -0.51 -14.00 23.69
N GLN A 184 -0.92 -13.67 24.92
CA GLN A 184 -2.30 -13.34 25.26
C GLN A 184 -2.28 -12.07 26.10
N ASN A 185 -3.34 -11.27 26.00
CA ASN A 185 -3.44 -10.00 26.73
C ASN A 185 -4.81 -9.93 27.40
N THR A 186 -4.81 -9.55 28.68
CA THR A 186 -6.01 -9.53 29.52
C THR A 186 -6.06 -8.23 30.33
N PRO A 187 -7.22 -7.60 30.44
CA PRO A 187 -7.33 -6.38 31.26
C PRO A 187 -6.99 -6.66 32.72
N ILE A 188 -6.24 -5.74 33.32
CA ILE A 188 -5.94 -5.78 34.75
C ILE A 188 -7.18 -5.34 35.50
N GLY A 189 -7.48 -4.04 35.45
CA GLY A 189 -8.73 -3.55 35.98
C GLY A 189 -9.85 -3.93 35.03
N ASP A 190 -10.86 -4.64 35.53
CA ASP A 190 -11.97 -5.05 34.70
C ASP A 190 -12.68 -3.82 34.12
N GLY A 191 -13.53 -4.08 33.13
CA GLY A 191 -14.26 -3.02 32.47
C GLY A 191 -14.49 -3.33 31.01
N PRO A 192 -15.15 -2.42 30.30
CA PRO A 192 -15.44 -2.66 28.87
C PRO A 192 -14.21 -2.40 28.02
N VAL A 193 -13.79 -3.41 27.27
CA VAL A 193 -12.71 -3.29 26.31
C VAL A 193 -13.27 -3.60 24.93
N LEU A 194 -12.52 -3.19 23.91
CA LEU A 194 -12.90 -3.42 22.53
C LEU A 194 -12.19 -4.69 22.03
N LEU A 195 -12.99 -5.68 21.64
CA LEU A 195 -12.37 -6.86 21.05
C LEU A 195 -12.40 -6.76 19.54
N PRO A 196 -11.25 -6.86 18.88
CA PRO A 196 -11.15 -6.42 17.49
C PRO A 196 -11.35 -7.51 16.46
N ASP A 197 -11.61 -7.11 15.22
CA ASP A 197 -11.56 -8.04 14.11
C ASP A 197 -10.10 -8.36 13.77
N ASN A 198 -9.91 -9.44 13.00
CA ASN A 198 -8.57 -9.90 12.71
C ASN A 198 -7.81 -8.84 11.92
N HIS A 199 -6.62 -8.47 12.41
CA HIS A 199 -5.81 -7.44 11.79
C HIS A 199 -4.36 -7.67 12.21
N TYR A 200 -3.46 -6.84 11.70
CA TYR A 200 -2.05 -7.01 12.01
C TYR A 200 -1.42 -5.65 12.33
N LEU A 201 -0.22 -5.70 12.88
CA LEU A 201 0.55 -4.51 13.24
C LEU A 201 1.87 -4.55 12.49
N SER A 202 2.10 -3.54 11.66
CA SER A 202 3.35 -3.42 10.91
C SER A 202 4.35 -2.65 11.78
N THR A 203 5.37 -3.34 12.25
CA THR A 203 6.33 -2.73 13.16
C THR A 203 7.74 -2.88 12.62
N GLN A 204 8.53 -1.81 12.76
CA GLN A 204 9.94 -1.81 12.40
C GLN A 204 10.73 -1.20 13.56
N SER A 205 11.90 -1.77 13.85
CA SER A 205 12.70 -1.35 14.97
C SER A 205 14.15 -1.12 14.54
N ALA A 206 14.73 -0.02 15.00
CA ALA A 206 16.14 0.27 14.78
C ALA A 206 16.85 0.26 16.11
N LEU A 207 18.04 -0.33 16.14
CA LEU A 207 18.81 -0.50 17.36
C LEU A 207 20.12 0.26 17.23
N SER A 208 20.42 1.10 18.22
CA SER A 208 21.63 1.92 18.21
C SER A 208 22.28 1.87 19.58
N LYS A 209 23.34 2.66 19.74
CA LYS A 209 24.05 2.78 21.01
C LYS A 209 24.28 4.26 21.31
N ASP A 210 24.10 4.62 22.58
CA ASP A 210 24.51 5.93 23.08
C ASP A 210 26.02 5.95 23.22
N PRO A 211 26.73 6.84 22.53
CA PRO A 211 28.21 6.80 22.61
C PRO A 211 28.75 7.07 24.01
N ASN A 212 27.93 7.57 24.92
CA ASN A 212 28.40 8.02 26.22
C ASN A 212 28.03 7.07 27.36
N GLU A 213 27.50 5.89 27.04
CA GLU A 213 27.07 4.93 28.05
C GLU A 213 28.01 3.73 28.02
N LYS A 214 28.71 3.51 29.13
CA LYS A 214 29.62 2.37 29.25
C LYS A 214 28.93 1.11 29.77
N ARG A 215 27.77 1.25 30.41
CA ARG A 215 26.97 0.09 30.76
C ARG A 215 26.43 -0.58 29.49
N ASP A 216 26.24 -1.89 29.58
CA ASP A 216 25.47 -2.61 28.58
C ASP A 216 24.13 -1.93 28.39
N HIS A 217 23.81 -1.61 27.13
CA HIS A 217 22.62 -0.80 26.87
C HIS A 217 22.14 -1.01 25.44
N MET A 218 20.91 -0.56 25.20
CA MET A 218 20.31 -0.58 23.87
C MET A 218 19.46 0.67 23.70
N VAL A 219 19.76 1.45 22.66
CA VAL A 219 18.91 2.55 22.23
C VAL A 219 17.95 2.01 21.17
N LEU A 220 16.67 2.35 21.29
CA LEU A 220 15.65 1.72 20.46
C LEU A 220 14.72 2.77 19.86
N LEU A 221 14.61 2.76 18.53
CA LEU A 221 13.61 3.53 17.80
C LEU A 221 12.62 2.56 17.17
N GLU A 222 11.34 2.83 17.35
CA GLU A 222 10.29 1.89 16.94
C GLU A 222 9.16 2.62 16.25
N PHE A 223 8.64 2.03 15.17
CA PHE A 223 7.46 2.52 14.47
C PHE A 223 6.49 1.36 14.28
N VAL A 224 5.25 1.55 14.72
CA VAL A 224 4.22 0.53 14.68
C VAL A 224 2.95 1.13 14.10
N THR A 225 2.29 0.40 13.22
CA THR A 225 1.06 0.87 12.59
C THR A 225 0.12 -0.31 12.37
N ALA A 226 -1.17 -0.06 12.56
CA ALA A 226 -2.21 -1.06 12.34
C ALA A 226 -2.69 -1.02 10.89
N ALA A 227 -3.01 -2.20 10.36
CA ALA A 227 -3.52 -2.33 9.00
C ALA A 227 -4.26 -3.67 8.91
N GLY A 228 -4.78 -3.95 7.71
CA GLY A 228 -5.42 -5.22 7.46
C GLY A 228 -6.92 -5.24 7.64
N THR A 229 -7.57 -4.08 7.57
CA THR A 229 -9.01 -3.95 7.71
C THR A 229 -9.53 -3.09 6.56
N MET A 230 -10.78 -3.34 6.17
CA MET A 230 -11.41 -2.55 5.10
C MET A 230 -12.67 -1.83 5.58
N GLN A 234 -16.55 0.18 0.33
CA GLN A 234 -16.02 1.54 0.43
C GLN A 234 -16.14 2.28 -0.91
N ASN A 235 -15.66 3.52 -0.93
CA ASN A 235 -15.85 4.42 -2.06
C ASN A 235 -15.23 3.85 -3.34
N LEU A 236 -15.53 4.53 -4.45
CA LEU A 236 -15.17 4.01 -5.75
C LEU A 236 -13.69 4.23 -6.07
N ARG A 237 -13.12 5.35 -5.64
CA ARG A 237 -11.72 5.63 -5.98
C ARG A 237 -10.76 4.65 -5.33
N GLU A 238 -11.11 4.14 -4.14
CA GLU A 238 -10.28 3.10 -3.54
C GLU A 238 -10.39 1.79 -4.31
N GLU A 239 -11.54 1.50 -4.90
CA GLU A 239 -11.64 0.35 -5.78
C GLU A 239 -10.91 0.59 -7.09
N ILE A 240 -10.93 1.83 -7.58
CA ILE A 240 -10.06 2.18 -8.71
C ILE A 240 -8.59 2.05 -8.33
N LYS A 241 -8.25 2.33 -7.07
CA LYS A 241 -6.85 2.26 -6.65
C LYS A 241 -6.34 0.82 -6.64
N GLN A 242 -7.11 -0.09 -6.04
CA GLN A 242 -6.64 -1.47 -5.97
C GLN A 242 -6.70 -2.18 -7.32
N LEU A 243 -7.56 -1.70 -8.22
CA LEU A 243 -7.45 -2.13 -9.61
C LEU A 243 -6.16 -1.60 -10.23
N GLY A 244 -5.79 -0.37 -9.92
CA GLY A 244 -4.51 0.15 -10.37
C GLY A 244 -3.32 -0.58 -9.77
N ARG A 245 -3.39 -0.90 -8.47
CA ARG A 245 -2.29 -1.61 -7.83
C ARG A 245 -2.13 -3.00 -8.43
N GLU A 246 -3.25 -3.65 -8.76
CA GLU A 246 -3.19 -4.96 -9.42
C GLU A 246 -2.68 -4.85 -10.85
N VAL A 247 -2.98 -3.75 -11.54
CA VAL A 247 -2.40 -3.55 -12.86
C VAL A 247 -0.90 -3.30 -12.74
N ARG A 248 -0.51 -2.43 -11.80
CA ARG A 248 0.90 -2.20 -11.51
C ARG A 248 1.61 -3.51 -11.25
N ALA A 249 1.07 -4.32 -10.32
CA ALA A 249 1.68 -5.61 -9.98
C ALA A 249 1.92 -6.47 -11.22
N GLN A 250 0.98 -6.46 -12.16
CA GLN A 250 1.09 -7.33 -13.33
C GLN A 250 2.17 -6.84 -14.28
N LEU A 251 2.27 -5.53 -14.48
CA LEU A 251 3.28 -4.99 -15.38
C LEU A 251 4.69 -5.28 -14.88
N LYS A 252 4.89 -5.20 -13.56
CA LYS A 252 6.22 -5.38 -12.99
C LYS A 252 6.68 -6.82 -13.11
N ALA A 253 5.74 -7.76 -13.16
CA ALA A 253 6.10 -9.17 -13.36
C ALA A 253 6.72 -9.37 -14.74
N ILE A 254 5.97 -9.06 -15.80
CA ILE A 254 6.47 -9.17 -17.17
C ILE A 254 7.50 -8.08 -17.43
N GLU A 255 8.71 -8.26 -16.89
CA GLU A 255 9.76 -7.27 -17.07
C GLU A 255 11.14 -7.88 -16.82
N LYS B 5 6.51 -27.26 -7.41
CA LYS B 5 6.26 -28.42 -8.26
C LYS B 5 4.77 -28.57 -8.57
N GLY B 6 3.93 -28.41 -7.54
CA GLY B 6 2.49 -28.32 -7.78
C GLY B 6 2.04 -26.93 -8.18
N GLU B 7 2.93 -25.94 -8.15
CA GLU B 7 2.58 -24.58 -8.51
C GLU B 7 2.51 -24.36 -10.01
N GLU B 8 3.28 -25.09 -10.80
CA GLU B 8 3.28 -24.87 -12.24
C GLU B 8 2.03 -25.42 -12.92
N LEU B 9 1.17 -26.13 -12.19
CA LEU B 9 -0.11 -26.59 -12.72
C LEU B 9 -1.11 -25.45 -12.90
N PHE B 10 -0.78 -24.24 -12.45
CA PHE B 10 -1.68 -23.10 -12.49
C PHE B 10 -1.15 -21.95 -13.33
N THR B 11 -0.02 -22.15 -14.03
CA THR B 11 0.54 -21.07 -14.84
C THR B 11 -0.37 -20.67 -15.99
N GLY B 12 -1.32 -21.53 -16.38
CA GLY B 12 -2.28 -21.20 -17.40
C GLY B 12 -3.67 -20.99 -16.86
N VAL B 13 -4.65 -21.08 -17.74
CA VAL B 13 -6.07 -20.99 -17.39
C VAL B 13 -6.59 -22.41 -17.23
N VAL B 14 -7.05 -22.74 -16.03
CA VAL B 14 -7.47 -24.10 -15.68
C VAL B 14 -9.00 -24.19 -15.68
N PRO B 15 -9.59 -25.22 -16.27
CA PRO B 15 -11.04 -25.41 -16.14
C PRO B 15 -11.41 -25.87 -14.74
N ILE B 16 -12.59 -25.46 -14.28
CA ILE B 16 -13.06 -25.75 -12.94
C ILE B 16 -14.44 -26.38 -13.00
N LEU B 17 -14.68 -27.36 -12.14
CA LEU B 17 -16.00 -27.94 -11.93
C LEU B 17 -16.30 -27.95 -10.44
N VAL B 18 -17.48 -27.47 -10.07
CA VAL B 18 -17.92 -27.42 -8.69
C VAL B 18 -19.25 -28.16 -8.59
N GLU B 19 -19.36 -29.04 -7.60
CA GLU B 19 -20.60 -29.76 -7.34
C GLU B 19 -20.85 -29.76 -5.83
N LEU B 20 -22.03 -29.32 -5.42
CA LEU B 20 -22.39 -29.20 -4.02
C LEU B 20 -23.72 -29.88 -3.78
N ASP B 21 -23.83 -30.57 -2.63
CA ASP B 21 -25.06 -31.17 -2.17
C ASP B 21 -25.30 -30.71 -0.75
N GLY B 22 -26.46 -30.11 -0.51
CA GLY B 22 -26.72 -29.51 0.80
C GLY B 22 -28.10 -29.84 1.33
N ASP B 23 -28.22 -29.72 2.65
CA ASP B 23 -29.49 -29.86 3.35
C ASP B 23 -29.52 -28.79 4.43
N VAL B 24 -30.49 -27.87 4.36
CA VAL B 24 -30.59 -26.74 5.29
C VAL B 24 -31.97 -26.80 5.92
N ASN B 25 -32.03 -27.15 7.21
CA ASN B 25 -33.28 -27.25 7.95
C ASN B 25 -34.28 -28.19 7.27
N GLY B 26 -33.76 -29.31 6.76
CA GLY B 26 -34.58 -30.28 6.06
C GLY B 26 -34.64 -30.09 4.56
N HIS B 27 -34.63 -28.84 4.08
CA HIS B 27 -34.65 -28.57 2.65
C HIS B 27 -33.37 -29.09 1.99
N LYS B 28 -33.54 -29.91 0.95
CA LYS B 28 -32.42 -30.45 0.20
C LYS B 28 -32.30 -29.77 -1.16
N PHE B 29 -31.07 -29.54 -1.59
CA PHE B 29 -30.80 -28.83 -2.84
C PHE B 29 -29.41 -29.22 -3.33
N SER B 30 -29.10 -28.83 -4.56
CA SER B 30 -27.79 -29.09 -5.14
C SER B 30 -27.41 -27.97 -6.09
N VAL B 31 -26.12 -27.77 -6.25
CA VAL B 31 -25.56 -26.71 -7.08
C VAL B 31 -24.45 -27.31 -7.93
N SER B 32 -24.46 -27.02 -9.22
CA SER B 32 -23.37 -27.35 -10.11
C SER B 32 -22.73 -26.06 -10.60
N GLY B 33 -21.40 -26.05 -10.69
CA GLY B 33 -20.67 -24.87 -11.12
C GLY B 33 -19.63 -25.20 -12.18
N GLU B 34 -19.46 -24.27 -13.11
CA GLU B 34 -18.47 -24.41 -14.17
C GLU B 34 -17.82 -23.06 -14.44
N GLY B 35 -16.53 -23.09 -14.74
CA GLY B 35 -15.80 -21.89 -15.09
C GLY B 35 -14.32 -22.20 -15.23
N GLU B 36 -13.51 -21.15 -15.07
CA GLU B 36 -12.07 -21.32 -15.19
C GLU B 36 -11.34 -20.37 -14.24
N GLY B 37 -10.12 -20.73 -13.91
CA GLY B 37 -9.29 -19.94 -13.02
C GLY B 37 -7.94 -19.61 -13.63
N ASP B 38 -7.52 -18.36 -13.42
CA ASP B 38 -6.23 -17.85 -13.89
C ASP B 38 -5.46 -17.37 -12.65
N ALA B 39 -4.66 -18.27 -12.08
CA ALA B 39 -3.93 -17.94 -10.85
C ALA B 39 -2.88 -16.86 -11.04
N THR B 40 -2.39 -16.66 -12.27
CA THR B 40 -1.41 -15.61 -12.51
C THR B 40 -2.00 -14.25 -12.18
N TYR B 41 -3.30 -14.07 -12.40
CA TYR B 41 -4.01 -12.85 -12.06
C TYR B 41 -4.90 -13.01 -10.84
N GLY B 42 -4.90 -14.19 -10.22
CA GLY B 42 -5.83 -14.45 -9.12
C GLY B 42 -7.27 -14.23 -9.53
N LYS B 43 -7.64 -14.63 -10.73
CA LYS B 43 -8.93 -14.30 -11.34
C LYS B 43 -9.79 -15.54 -11.43
N LEU B 44 -11.06 -15.41 -11.04
CA LEU B 44 -12.01 -16.51 -11.06
C LEU B 44 -13.28 -16.08 -11.76
N THR B 45 -13.73 -16.88 -12.73
CA THR B 45 -15.01 -16.66 -13.41
C THR B 45 -15.78 -17.98 -13.36
N LEU B 46 -16.97 -17.94 -12.78
CA LEU B 46 -17.73 -19.17 -12.57
C LEU B 46 -19.22 -18.89 -12.70
N LYS B 47 -19.95 -19.86 -13.25
CA LYS B 47 -21.40 -19.85 -13.25
C LYS B 47 -21.88 -21.05 -12.45
N PHE B 48 -22.73 -20.79 -11.46
CA PHE B 48 -23.38 -21.83 -10.69
C PHE B 48 -24.86 -21.87 -11.04
N ILE B 49 -25.41 -23.07 -11.11
CA ILE B 49 -26.83 -23.28 -11.29
C ILE B 49 -27.34 -24.15 -10.16
N CYS B 50 -28.60 -23.96 -9.79
CA CYS B 50 -29.26 -24.81 -8.82
C CYS B 50 -30.06 -25.87 -9.57
N THR B 51 -29.64 -27.13 -9.44
CA THR B 51 -30.27 -28.20 -10.18
C THR B 51 -31.63 -28.60 -9.60
N THR B 52 -31.93 -28.21 -8.36
CA THR B 52 -33.15 -28.66 -7.70
C THR B 52 -34.19 -27.54 -7.57
N GLY B 53 -34.44 -26.81 -8.65
CA GLY B 53 -35.47 -25.79 -8.62
C GLY B 53 -34.96 -24.52 -7.95
N LYS B 54 -35.77 -23.96 -7.06
CA LYS B 54 -35.43 -22.71 -6.40
C LYS B 54 -34.56 -22.98 -5.17
N LEU B 55 -33.49 -22.21 -5.04
CA LEU B 55 -32.60 -22.34 -3.90
C LEU B 55 -33.32 -21.90 -2.63
N PRO B 56 -33.14 -22.63 -1.52
CA PRO B 56 -33.77 -22.24 -0.25
C PRO B 56 -32.96 -21.30 0.62
N VAL B 57 -31.81 -20.83 0.15
CA VAL B 57 -30.97 -19.87 0.87
C VAL B 57 -30.58 -18.78 -0.12
N PRO B 58 -30.08 -17.62 0.32
CA PRO B 58 -29.58 -16.65 -0.65
C PRO B 58 -28.25 -17.10 -1.22
N TRP B 59 -28.02 -16.72 -2.48
CA TRP B 59 -26.75 -17.01 -3.12
C TRP B 59 -25.53 -16.43 -2.38
N PRO B 60 -25.57 -15.21 -1.83
CA PRO B 60 -24.38 -14.70 -1.14
C PRO B 60 -23.88 -15.57 0.01
N THR B 61 -24.74 -16.36 0.64
CA THR B 61 -24.27 -17.19 1.74
C THR B 61 -23.51 -18.43 1.28
N LEU B 62 -23.44 -18.70 -0.02
CA LEU B 62 -22.76 -19.87 -0.55
C LEU B 62 -21.47 -19.53 -1.29
N VAL B 63 -21.15 -18.25 -1.45
CA VAL B 63 -19.95 -17.85 -2.18
C VAL B 63 -18.70 -18.46 -1.55
N THR B 64 -18.56 -18.32 -0.22
CA THR B 64 -17.38 -18.88 0.44
C THR B 64 -17.33 -20.39 0.27
N THR B 65 -18.49 -21.05 0.34
CA THR B 65 -18.53 -22.50 0.15
C THR B 65 -18.19 -22.88 -1.28
N LEU B 66 -18.84 -22.25 -2.26
CA LEU B 66 -18.60 -22.59 -3.67
C LEU B 66 -17.21 -22.17 -4.12
N1 CRO B 67 -16.85 -20.79 -3.98
CA1 CRO B 67 -15.44 -20.68 -4.33
CB1 CRO B 67 -15.22 -19.70 -5.49
CG1 CRO B 67 -16.47 -19.73 -6.36
OG1 CRO B 67 -15.03 -18.38 -5.08
C1 CRO B 67 -14.66 -20.35 -3.07
N2 CRO B 67 -14.47 -19.06 -2.49
N3 CRO B 67 -14.04 -21.40 -2.29
C2 CRO B 67 -13.39 -20.71 -1.14
O2 CRO B 67 -12.78 -21.22 -0.27
CA2 CRO B 67 -13.69 -19.21 -1.29
CA3 CRO B 67 -14.04 -22.82 -2.57
C3 CRO B 67 -12.60 -23.32 -2.57
O3 CRO B 67 -12.36 -24.53 -2.29
CB2 CRO B 67 -13.26 -18.28 -0.46
CG2 CRO B 67 -13.76 -16.84 -0.34
CD1 CRO B 67 -14.57 -16.24 -1.29
CD2 CRO B 67 -13.34 -16.12 0.77
CE1 CRO B 67 -14.97 -14.92 -1.12
CE2 CRO B 67 -13.74 -14.81 0.93
CZ CRO B 67 -14.56 -14.20 -0.01
OH CRO B 67 -14.96 -12.88 0.17
N VAL B 68 -12.34 -22.44 -3.67
CA VAL B 68 -11.19 -22.98 -4.39
C VAL B 68 -10.05 -21.96 -4.39
N GLN B 69 -9.25 -21.99 -3.33
CA GLN B 69 -8.26 -20.95 -3.07
C GLN B 69 -6.87 -21.25 -3.64
N CYS B 70 -6.74 -22.32 -4.41
CA CYS B 70 -5.50 -22.56 -5.15
C CYS B 70 -5.34 -21.62 -6.33
N PHE B 71 -6.31 -20.75 -6.59
CA PHE B 71 -6.22 -19.79 -7.69
C PHE B 71 -5.90 -18.37 -7.22
N SER B 72 -5.48 -18.21 -5.96
CA SER B 72 -5.05 -16.91 -5.49
C SER B 72 -3.71 -16.54 -6.10
N ARG B 73 -3.49 -15.24 -6.30
CA ARG B 73 -2.21 -14.74 -6.77
C ARG B 73 -1.26 -14.61 -5.58
N TYR B 74 -0.17 -15.37 -5.61
CA TYR B 74 0.91 -15.19 -4.66
C TYR B 74 2.04 -14.43 -5.33
N PRO B 75 2.42 -13.25 -4.85
CA PRO B 75 3.58 -12.56 -5.43
C PRO B 75 4.82 -13.43 -5.35
N ASP B 76 5.77 -13.15 -6.26
CA ASP B 76 6.94 -14.02 -6.43
C ASP B 76 7.69 -14.23 -5.12
N HIS B 77 7.73 -13.20 -4.27
CA HIS B 77 8.41 -13.29 -2.99
C HIS B 77 7.58 -13.98 -1.91
N MET B 78 6.48 -14.65 -2.28
CA MET B 78 5.63 -15.35 -1.33
C MET B 78 5.35 -16.78 -1.74
N LYS B 79 5.94 -17.27 -2.83
CA LYS B 79 5.61 -18.59 -3.35
C LYS B 79 5.92 -19.70 -2.36
N ARG B 80 6.78 -19.45 -1.38
CA ARG B 80 7.07 -20.41 -0.33
C ARG B 80 5.99 -20.46 0.75
N HIS B 81 4.91 -19.69 0.58
CA HIS B 81 3.78 -19.68 1.51
C HIS B 81 2.47 -20.09 0.84
N ASP B 82 2.56 -20.73 -0.33
CA ASP B 82 1.39 -21.10 -1.14
C ASP B 82 1.01 -22.53 -0.81
N PHE B 83 0.23 -22.70 0.26
CA PHE B 83 -0.16 -24.04 0.69
C PHE B 83 -1.10 -24.70 -0.30
N PHE B 84 -2.04 -23.93 -0.87
CA PHE B 84 -3.11 -24.51 -1.65
C PHE B 84 -2.58 -25.21 -2.90
N LYS B 85 -1.72 -24.53 -3.66
CA LYS B 85 -1.08 -25.18 -4.80
C LYS B 85 -0.15 -26.30 -4.36
N SER B 86 0.43 -26.17 -3.15
CA SER B 86 1.40 -27.16 -2.68
C SER B 86 0.84 -28.57 -2.73
N ALA B 87 -0.43 -28.74 -2.37
CA ALA B 87 -1.01 -30.08 -2.26
C ALA B 87 -1.45 -30.64 -3.60
N MET B 88 -1.59 -29.82 -4.63
CA MET B 88 -1.98 -30.32 -5.94
C MET B 88 -0.86 -31.18 -6.53
N PRO B 89 -1.20 -32.16 -7.40
CA PRO B 89 -2.54 -32.51 -7.87
C PRO B 89 -3.39 -33.40 -6.96
N GLU B 90 -2.82 -33.98 -5.90
CA GLU B 90 -3.63 -34.85 -5.04
C GLU B 90 -4.74 -34.06 -4.36
N GLY B 91 -4.47 -32.81 -3.99
CA GLY B 91 -5.49 -31.95 -3.42
C GLY B 91 -5.51 -31.95 -1.91
N TYR B 92 -6.60 -31.38 -1.38
CA TYR B 92 -6.77 -31.22 0.05
C TYR B 92 -8.25 -31.28 0.38
N VAL B 93 -8.55 -31.36 1.68
CA VAL B 93 -9.91 -31.33 2.19
C VAL B 93 -10.09 -30.04 2.99
N GLN B 94 -11.26 -29.41 2.83
CA GLN B 94 -11.55 -28.12 3.45
C GLN B 94 -12.82 -28.26 4.29
N GLU B 95 -12.66 -28.39 5.60
CA GLU B 95 -13.76 -28.38 6.54
C GLU B 95 -14.00 -26.97 7.07
N ARG B 96 -15.26 -26.64 7.31
CA ARG B 96 -15.61 -25.26 7.65
C ARG B 96 -16.92 -25.22 8.41
N THR B 97 -17.00 -24.31 9.37
CA THR B 97 -18.24 -24.00 10.09
C THR B 97 -18.48 -22.50 9.99
N ILE B 98 -19.71 -22.11 9.63
CA ILE B 98 -20.07 -20.72 9.39
C ILE B 98 -21.20 -20.37 10.34
N PHE B 99 -20.89 -19.63 11.41
CA PHE B 99 -21.89 -19.22 12.38
C PHE B 99 -22.51 -17.91 11.94
N PHE B 100 -23.78 -17.92 11.60
CA PHE B 100 -24.55 -16.71 11.34
C PHE B 100 -25.11 -16.18 12.66
N LYS B 101 -24.83 -14.91 12.96
CA LYS B 101 -25.19 -14.36 14.25
C LYS B 101 -26.70 -14.22 14.39
N ASP B 102 -27.22 -14.61 15.56
CA ASP B 102 -28.66 -14.72 15.80
C ASP B 102 -29.31 -15.63 14.76
N ASP B 103 -28.65 -16.73 14.44
CA ASP B 103 -29.20 -17.67 13.46
C ASP B 103 -28.38 -18.96 13.50
N GLY B 104 -28.65 -19.84 12.53
CA GLY B 104 -28.05 -21.15 12.47
C GLY B 104 -26.63 -21.13 11.93
N ASN B 105 -26.21 -22.28 11.39
CA ASN B 105 -24.84 -22.46 10.96
C ASN B 105 -24.77 -23.49 9.85
N TYR B 106 -23.74 -23.39 9.03
CA TYR B 106 -23.42 -24.39 8.03
C TYR B 106 -22.23 -25.21 8.49
N LYS B 107 -22.28 -26.52 8.28
CA LYS B 107 -21.12 -27.37 8.41
C LYS B 107 -20.79 -27.91 7.03
N THR B 108 -19.56 -27.69 6.58
CA THR B 108 -19.17 -28.07 5.24
C THR B 108 -18.05 -29.09 5.27
N ARG B 109 -17.97 -29.86 4.19
CA ARG B 109 -16.83 -30.72 3.92
C ARG B 109 -16.64 -30.74 2.41
N ALA B 110 -15.40 -30.59 1.96
CA ALA B 110 -15.14 -30.47 0.54
C ALA B 110 -13.77 -31.02 0.20
N GLU B 111 -13.70 -31.78 -0.89
CA GLU B 111 -12.44 -32.28 -1.42
C GLU B 111 -12.07 -31.47 -2.66
N VAL B 112 -10.92 -30.83 -2.63
CA VAL B 112 -10.46 -29.98 -3.73
C VAL B 112 -9.25 -30.66 -4.36
N LYS B 113 -9.42 -31.21 -5.56
CA LYS B 113 -8.34 -31.95 -6.19
C LYS B 113 -8.47 -31.89 -7.70
N PHE B 114 -7.42 -32.36 -8.37
CA PHE B 114 -7.42 -32.49 -9.82
C PHE B 114 -8.00 -33.84 -10.21
N GLU B 115 -9.00 -33.81 -11.09
CA GLU B 115 -9.56 -35.02 -11.70
C GLU B 115 -9.36 -34.84 -13.20
N GLY B 116 -8.20 -35.30 -13.69
CA GLY B 116 -7.80 -35.06 -15.06
C GLY B 116 -7.07 -33.74 -15.19
N ASP B 117 -7.39 -32.99 -16.25
CA ASP B 117 -6.86 -31.64 -16.41
C ASP B 117 -7.76 -30.60 -15.77
N THR B 118 -8.80 -31.02 -15.05
CA THR B 118 -9.81 -30.14 -14.47
C THR B 118 -9.67 -30.10 -12.96
N LEU B 119 -9.84 -28.91 -12.39
CA LEU B 119 -9.88 -28.72 -10.95
C LEU B 119 -11.31 -28.93 -10.46
N VAL B 120 -11.50 -29.88 -9.55
CA VAL B 120 -12.83 -30.31 -9.09
C VAL B 120 -12.98 -30.00 -7.61
N ASN B 121 -14.17 -29.50 -7.24
CA ASN B 121 -14.50 -29.13 -5.86
C ASN B 121 -15.87 -29.72 -5.53
N ARG B 122 -15.89 -30.81 -4.75
CA ARG B 122 -17.12 -31.49 -4.38
C ARG B 122 -17.42 -31.21 -2.91
N ILE B 123 -18.61 -30.67 -2.64
CA ILE B 123 -18.94 -30.16 -1.32
C ILE B 123 -20.18 -30.86 -0.79
N GLU B 124 -20.13 -31.24 0.48
CA GLU B 124 -21.28 -31.65 1.25
C GLU B 124 -21.53 -30.59 2.33
N LEU B 125 -22.76 -30.09 2.39
CA LEU B 125 -23.15 -29.05 3.31
C LEU B 125 -24.34 -29.50 4.13
N LYS B 126 -24.31 -29.20 5.42
CA LYS B 126 -25.44 -29.47 6.31
C LYS B 126 -25.69 -28.23 7.16
N GLY B 127 -26.85 -27.60 6.98
CA GLY B 127 -27.23 -26.46 7.78
C GLY B 127 -28.43 -26.69 8.67
N ILE B 128 -28.37 -26.18 9.90
CA ILE B 128 -29.37 -26.43 10.91
C ILE B 128 -29.63 -25.13 11.65
N ASP B 129 -30.85 -24.94 12.08
CA ASP B 129 -31.24 -23.98 13.11
C ASP B 129 -31.74 -22.63 12.57
N PHE B 130 -31.98 -22.53 11.29
CA PHE B 130 -32.36 -21.25 10.75
C PHE B 130 -33.79 -20.98 11.17
N LYS B 131 -34.00 -19.82 11.78
CA LYS B 131 -35.37 -19.37 11.94
C LYS B 131 -36.00 -19.40 10.56
N GLU B 132 -37.14 -20.06 10.45
CA GLU B 132 -37.73 -20.30 9.12
C GLU B 132 -38.02 -18.99 8.39
N ASP B 133 -38.08 -17.87 9.11
CA ASP B 133 -38.04 -16.58 8.43
C ASP B 133 -37.02 -15.69 9.13
N GLY B 134 -35.80 -16.19 9.24
CA GLY B 134 -34.65 -15.34 9.50
C GLY B 134 -34.25 -14.62 8.23
N ASN B 135 -33.03 -14.08 8.24
CA ASN B 135 -32.50 -13.46 7.03
C ASN B 135 -32.24 -14.48 5.94
N ILE B 136 -31.81 -15.69 6.32
CA ILE B 136 -31.38 -16.68 5.35
C ILE B 136 -32.59 -17.35 4.70
N LEU B 137 -33.39 -18.06 5.49
CA LEU B 137 -34.55 -18.74 4.94
C LEU B 137 -35.63 -17.77 4.47
N GLY B 138 -35.56 -16.50 4.90
CA GLY B 138 -36.50 -15.49 4.45
C GLY B 138 -36.09 -14.76 3.19
N HIS B 139 -34.87 -14.96 2.71
CA HIS B 139 -34.35 -14.32 1.51
C HIS B 139 -34.42 -12.79 1.64
N LYS B 140 -33.67 -12.28 2.63
CA LYS B 140 -33.67 -10.87 2.97
C LYS B 140 -32.33 -10.20 2.74
N LEU B 141 -31.42 -10.85 2.02
CA LEU B 141 -30.07 -10.33 1.81
C LEU B 141 -29.96 -9.69 0.43
N GLU B 142 -29.39 -8.49 0.38
CA GLU B 142 -29.05 -7.86 -0.88
C GLU B 142 -28.09 -8.77 -1.67
N TYR B 143 -28.23 -8.74 -2.99
CA TYR B 143 -27.50 -9.66 -3.87
C TYR B 143 -26.20 -9.00 -4.31
N ASN B 144 -25.21 -9.04 -3.43
CA ASN B 144 -23.86 -8.59 -3.72
C ASN B 144 -22.88 -9.23 -2.75
N TYR B 145 -21.62 -8.80 -2.78
CA TYR B 145 -20.61 -9.28 -1.87
C TYR B 145 -19.65 -8.16 -1.53
N ASN B 146 -19.17 -8.16 -0.28
CA ASN B 146 -18.24 -7.15 0.20
C ASN B 146 -16.85 -7.74 0.29
N SER B 147 -15.86 -6.99 -0.19
CA SER B 147 -14.48 -7.44 -0.07
C SER B 147 -14.04 -7.43 1.37
N HIS B 148 -13.06 -8.26 1.69
CA HIS B 148 -12.52 -8.34 3.03
C HIS B 148 -11.25 -9.18 2.95
N ASN B 149 -10.61 -9.36 4.09
CA ASN B 149 -9.37 -10.10 4.16
C ASN B 149 -9.57 -11.40 4.90
N VAL B 150 -8.93 -12.45 4.40
CA VAL B 150 -9.02 -13.80 4.95
C VAL B 150 -7.66 -14.15 5.54
N TYR B 151 -7.61 -14.32 6.87
CA TYR B 151 -6.35 -14.49 7.57
C TYR B 151 -6.01 -15.97 7.70
N ILE B 152 -4.75 -16.31 7.41
CA ILE B 152 -4.31 -17.69 7.30
C ILE B 152 -3.20 -17.94 8.31
N MET B 153 -3.38 -18.97 9.13
CA MET B 153 -2.37 -19.39 10.08
C MET B 153 -2.01 -20.85 9.83
N ALA B 154 -0.86 -21.27 10.34
CA ALA B 154 -0.37 -22.63 10.13
C ALA B 154 -0.81 -23.55 11.26
N ASP B 155 -1.13 -24.79 10.89
CA ASP B 155 -1.50 -25.87 11.80
C ASP B 155 -0.43 -26.96 11.67
N LYS B 156 0.65 -26.84 12.46
CA LYS B 156 1.69 -27.86 12.42
C LYS B 156 1.29 -29.08 13.24
N GLN B 157 0.33 -28.92 14.15
CA GLN B 157 -0.26 -30.09 14.78
C GLN B 157 -0.90 -31.00 13.73
N LYS B 158 -1.66 -30.43 12.81
CA LYS B 158 -2.45 -31.18 11.85
C LYS B 158 -1.85 -31.20 10.45
N ASN B 159 -0.63 -30.69 10.28
CA ASN B 159 0.03 -30.65 8.98
C ASN B 159 -0.82 -29.90 7.94
N GLY B 160 -1.49 -28.85 8.39
CA GLY B 160 -2.33 -28.06 7.51
C GLY B 160 -2.33 -26.59 7.91
N ILE B 161 -3.42 -25.90 7.59
CA ILE B 161 -3.61 -24.50 7.91
C ILE B 161 -4.97 -24.33 8.57
N LYS B 162 -5.07 -23.30 9.40
CA LYS B 162 -6.34 -22.86 9.97
C LYS B 162 -6.63 -21.45 9.46
N VAL B 163 -7.89 -21.18 9.16
CA VAL B 163 -8.29 -19.97 8.45
C VAL B 163 -9.48 -19.35 9.17
N ASN B 164 -9.47 -18.02 9.27
CA ASN B 164 -10.46 -17.30 10.07
C ASN B 164 -10.80 -16.00 9.38
N PHE B 165 -12.09 -15.68 9.31
CA PHE B 165 -12.53 -14.40 8.78
C PHE B 165 -14.03 -14.26 9.02
N LYS B 166 -14.50 -13.02 8.92
CA LYS B 166 -15.91 -12.69 9.02
C LYS B 166 -16.35 -11.98 7.76
N THR B 167 -17.59 -12.22 7.35
CA THR B 167 -18.16 -11.54 6.19
C THR B 167 -19.42 -10.79 6.61
N ARG B 168 -19.63 -9.63 5.98
CA ARG B 168 -20.78 -8.78 6.25
C ARG B 168 -21.72 -8.85 5.06
N HIS B 169 -22.98 -9.19 5.32
CA HIS B 169 -24.00 -9.26 4.28
C HIS B 169 -25.01 -8.15 4.52
N ASN B 170 -25.08 -7.20 3.58
CA ASN B 170 -26.08 -6.15 3.66
C ASN B 170 -27.47 -6.77 3.60
N ILE B 171 -28.24 -6.57 4.66
CA ILE B 171 -29.67 -6.86 4.60
C ILE B 171 -30.36 -5.76 3.81
N GLU B 172 -31.54 -6.09 3.27
CA GLU B 172 -32.22 -5.18 2.36
C GLU B 172 -32.60 -3.84 2.98
N ASP B 173 -32.22 -3.55 4.24
CA ASP B 173 -32.56 -2.27 4.87
C ASP B 173 -31.39 -1.66 5.67
N GLY B 174 -30.15 -1.98 5.32
CA GLY B 174 -29.03 -1.34 5.97
C GLY B 174 -28.62 -2.09 7.21
N SER B 175 -29.54 -2.91 7.71
CA SER B 175 -29.17 -3.97 8.63
C SER B 175 -28.04 -4.79 8.04
N VAL B 176 -27.18 -5.30 8.90
CA VAL B 176 -26.06 -6.12 8.44
C VAL B 176 -26.10 -7.43 9.20
N GLN B 177 -26.01 -8.52 8.46
CA GLN B 177 -26.02 -9.88 8.99
C GLN B 177 -24.61 -10.44 8.90
N LEU B 178 -24.05 -10.82 10.04
CA LEU B 178 -22.67 -11.27 10.13
C LEU B 178 -22.57 -12.79 10.09
N ALA B 179 -21.38 -13.26 9.69
CA ALA B 179 -21.12 -14.69 9.57
C ALA B 179 -19.63 -14.88 9.80
N ASP B 180 -19.26 -15.50 10.92
CA ASP B 180 -17.86 -15.77 11.22
C ASP B 180 -17.52 -17.16 10.73
N HIS B 181 -16.46 -17.28 9.95
CA HIS B 181 -16.05 -18.53 9.33
C HIS B 181 -14.92 -19.16 10.14
N TYR B 182 -15.03 -20.47 10.33
CA TYR B 182 -13.95 -21.25 10.93
C TYR B 182 -13.55 -22.33 9.93
N GLN B 183 -12.28 -22.32 9.53
CA GLN B 183 -11.83 -23.13 8.42
C GLN B 183 -10.55 -23.88 8.76
N GLN B 184 -10.49 -25.12 8.29
CA GLN B 184 -9.36 -26.02 8.51
C GLN B 184 -9.08 -26.74 7.21
N ASN B 185 -7.82 -26.83 6.81
CA ASN B 185 -7.45 -27.47 5.55
C ASN B 185 -6.35 -28.48 5.80
N THR B 186 -6.55 -29.71 5.32
CA THR B 186 -5.61 -30.81 5.48
C THR B 186 -5.33 -31.42 4.12
N PRO B 187 -4.07 -31.68 3.77
CA PRO B 187 -3.77 -32.24 2.45
C PRO B 187 -4.21 -33.70 2.33
N ILE B 188 -4.32 -34.15 1.08
CA ILE B 188 -4.71 -35.52 0.78
C ILE B 188 -3.50 -36.43 0.63
N GLY B 189 -2.45 -35.95 -0.06
CA GLY B 189 -1.29 -36.78 -0.30
C GLY B 189 -0.32 -36.81 0.86
N ASP B 190 0.56 -37.80 0.83
CA ASP B 190 1.60 -37.94 1.84
C ASP B 190 2.81 -37.03 1.58
N GLY B 191 2.84 -36.35 0.43
CA GLY B 191 3.99 -35.57 0.05
C GLY B 191 4.19 -34.36 0.94
N PRO B 192 5.26 -33.62 0.68
CA PRO B 192 5.55 -32.42 1.48
C PRO B 192 4.71 -31.24 1.03
N VAL B 193 4.18 -30.51 2.00
CA VAL B 193 3.40 -29.31 1.75
C VAL B 193 4.08 -28.14 2.45
N LEU B 194 3.89 -26.94 1.90
CA LEU B 194 4.49 -25.73 2.45
C LEU B 194 3.56 -25.15 3.49
N LEU B 195 3.99 -25.16 4.75
CA LEU B 195 3.22 -24.56 5.82
C LEU B 195 3.60 -23.09 5.96
N PRO B 196 2.67 -22.16 5.75
CA PRO B 196 3.04 -20.75 5.59
C PRO B 196 3.14 -19.99 6.92
N ASP B 197 3.82 -18.85 6.85
CA ASP B 197 3.78 -17.88 7.92
C ASP B 197 2.43 -17.15 7.90
N ASN B 198 2.17 -16.41 8.97
CA ASN B 198 0.90 -15.70 9.06
C ASN B 198 0.82 -14.65 7.95
N HIS B 199 -0.30 -14.68 7.23
CA HIS B 199 -0.54 -13.78 6.10
C HIS B 199 -2.05 -13.76 5.84
N TYR B 200 -2.47 -12.98 4.85
CA TYR B 200 -3.89 -12.91 4.55
C TYR B 200 -4.10 -12.88 3.03
N LEU B 201 -5.37 -12.93 2.65
CA LEU B 201 -5.79 -12.89 1.25
C LEU B 201 -6.82 -11.78 1.08
N SER B 202 -6.57 -10.87 0.16
CA SER B 202 -7.54 -9.83 -0.19
C SER B 202 -8.38 -10.32 -1.36
N THR B 203 -9.68 -10.45 -1.14
CA THR B 203 -10.60 -11.03 -2.11
C THR B 203 -11.69 -10.03 -2.48
N GLN B 204 -12.05 -10.00 -3.76
CA GLN B 204 -13.10 -9.13 -4.28
C GLN B 204 -14.03 -9.94 -5.19
N SER B 205 -15.34 -9.87 -4.92
CA SER B 205 -16.34 -10.64 -5.63
C SER B 205 -17.41 -9.75 -6.22
N ALA B 206 -17.82 -10.04 -7.46
CA ALA B 206 -18.97 -9.41 -8.09
C ALA B 206 -19.94 -10.49 -8.52
N LEU B 207 -21.20 -10.37 -8.10
CA LEU B 207 -22.25 -11.32 -8.45
C LEU B 207 -23.14 -10.70 -9.52
N SER B 208 -23.43 -11.48 -10.56
CA SER B 208 -24.30 -11.03 -11.64
C SER B 208 -25.16 -12.20 -12.12
N LYS B 209 -25.94 -11.95 -13.17
CA LYS B 209 -26.86 -12.95 -13.72
C LYS B 209 -26.61 -13.12 -15.21
N ASP B 210 -27.06 -14.28 -15.72
CA ASP B 210 -27.00 -14.58 -17.14
C ASP B 210 -28.39 -14.41 -17.73
N PRO B 211 -28.57 -13.53 -18.72
CA PRO B 211 -29.92 -13.31 -19.27
C PRO B 211 -30.56 -14.54 -19.88
N ASN B 212 -29.77 -15.43 -20.48
CA ASN B 212 -30.32 -16.59 -21.18
C ASN B 212 -30.49 -17.80 -20.27
N GLU B 213 -30.06 -17.72 -19.01
CA GLU B 213 -30.26 -18.78 -18.04
C GLU B 213 -31.50 -18.46 -17.21
N LYS B 214 -32.48 -19.37 -17.24
CA LYS B 214 -33.72 -19.19 -16.49
C LYS B 214 -33.73 -19.95 -15.17
N ARG B 215 -32.97 -21.05 -15.06
CA ARG B 215 -32.78 -21.68 -13.77
C ARG B 215 -32.15 -20.70 -12.78
N ASP B 216 -32.38 -20.96 -11.50
CA ASP B 216 -31.77 -20.15 -10.46
C ASP B 216 -30.26 -20.32 -10.48
N HIS B 217 -29.55 -19.21 -10.62
CA HIS B 217 -28.12 -19.28 -10.95
C HIS B 217 -27.39 -18.09 -10.35
N MET B 218 -26.06 -18.16 -10.41
CA MET B 218 -25.19 -17.07 -10.01
C MET B 218 -23.98 -17.04 -10.92
N VAL B 219 -23.66 -15.86 -11.44
CA VAL B 219 -22.42 -15.62 -12.16
C VAL B 219 -21.44 -14.96 -11.18
N LEU B 220 -20.23 -15.52 -11.09
CA LEU B 220 -19.24 -15.07 -10.11
C LEU B 220 -17.96 -14.62 -10.82
N LEU B 221 -17.44 -13.46 -10.40
CA LEU B 221 -16.13 -12.99 -10.82
C LEU B 221 -15.35 -12.61 -9.58
N GLU B 222 -14.17 -13.20 -9.40
CA GLU B 222 -13.41 -13.08 -8.16
C GLU B 222 -11.96 -12.72 -8.42
N PHE B 223 -11.43 -11.82 -7.59
CA PHE B 223 -10.01 -11.45 -7.60
C PHE B 223 -9.46 -11.63 -6.19
N VAL B 224 -8.40 -12.44 -6.05
CA VAL B 224 -7.78 -12.73 -4.75
C VAL B 224 -6.27 -12.59 -4.88
N THR B 225 -5.66 -11.88 -3.92
CA THR B 225 -4.23 -11.67 -3.88
C THR B 225 -3.72 -11.89 -2.46
N ALA B 226 -2.61 -12.61 -2.34
CA ALA B 226 -1.96 -12.79 -1.04
C ALA B 226 -1.19 -11.54 -0.65
N ALA B 227 -1.05 -11.32 0.65
CA ALA B 227 -0.38 -10.14 1.18
C ALA B 227 0.03 -10.40 2.62
N GLY B 228 0.92 -9.54 3.13
CA GLY B 228 1.17 -9.47 4.55
C GLY B 228 2.51 -9.99 5.05
N THR B 229 3.58 -9.75 4.28
CA THR B 229 4.94 -10.10 4.69
C THR B 229 5.92 -9.43 3.73
N MET B 230 7.19 -9.31 4.17
CA MET B 230 8.16 -8.43 3.52
C MET B 230 9.50 -9.16 3.35
N LEU B 233 14.00 -8.23 1.95
CA LEU B 233 15.24 -7.45 1.81
C LEU B 233 15.06 -6.33 0.78
N GLN B 234 15.74 -5.19 0.97
CA GLN B 234 15.33 -4.01 0.22
C GLN B 234 16.44 -3.06 -0.20
N ASN B 235 16.22 -2.44 -1.37
CA ASN B 235 17.03 -1.33 -1.86
C ASN B 235 16.91 -0.12 -0.95
N LEU B 236 17.89 0.78 -1.02
CA LEU B 236 17.74 2.05 -0.32
C LEU B 236 16.69 2.94 -0.98
N ARG B 237 16.64 2.93 -2.31
CA ARG B 237 15.57 3.62 -3.01
C ARG B 237 14.21 3.05 -2.62
N GLU B 238 14.14 1.73 -2.40
CA GLU B 238 12.88 1.13 -1.99
C GLU B 238 12.53 1.48 -0.55
N GLU B 239 13.53 1.57 0.33
CA GLU B 239 13.26 1.95 1.71
C GLU B 239 12.82 3.41 1.79
N ILE B 240 13.35 4.27 0.91
CA ILE B 240 12.92 5.67 0.91
C ILE B 240 11.49 5.78 0.37
N LYS B 241 11.11 4.91 -0.57
CA LYS B 241 9.75 4.91 -1.08
C LYS B 241 8.76 4.50 0.01
N GLN B 242 9.15 3.57 0.89
CA GLN B 242 8.27 3.20 2.00
C GLN B 242 8.16 4.32 3.01
N LEU B 243 9.26 5.04 3.27
CA LEU B 243 9.22 6.19 4.15
C LEU B 243 8.27 7.26 3.61
N GLY B 244 8.32 7.51 2.30
CA GLY B 244 7.38 8.45 1.70
C GLY B 244 5.94 7.99 1.83
N ARG B 245 5.69 6.68 1.72
CA ARG B 245 4.34 6.16 1.90
C ARG B 245 3.86 6.35 3.33
N GLU B 246 4.76 6.20 4.32
CA GLU B 246 4.38 6.45 5.70
C GLU B 246 4.20 7.93 5.98
N VAL B 247 4.99 8.78 5.33
CA VAL B 247 4.79 10.22 5.48
C VAL B 247 3.43 10.62 4.93
N ARG B 248 3.12 10.19 3.71
CA ARG B 248 1.82 10.51 3.12
C ARG B 248 0.69 9.90 3.95
N ALA B 249 0.85 8.65 4.38
CA ALA B 249 -0.13 8.03 5.26
C ALA B 249 -0.33 8.82 6.54
N GLN B 250 0.72 9.46 7.04
CA GLN B 250 0.58 10.24 8.27
C GLN B 250 -0.17 11.54 8.00
N LEU B 251 0.08 12.18 6.86
CA LEU B 251 -0.67 13.37 6.49
C LEU B 251 -2.15 13.07 6.40
N LYS B 252 -2.52 11.91 5.85
CA LYS B 252 -3.94 11.57 5.73
C LYS B 252 -4.59 11.45 7.09
N ALA B 253 -3.90 10.82 8.06
CA ALA B 253 -4.44 10.71 9.41
C ALA B 253 -4.57 12.06 10.09
N ILE B 254 -3.75 13.03 9.70
CA ILE B 254 -3.86 14.36 10.30
C ILE B 254 -5.07 15.11 9.74
N GLU B 255 -5.38 14.92 8.46
CA GLU B 255 -6.57 15.50 7.84
C GLU B 255 -6.86 14.84 6.50
N ASP C 5 5.26 42.63 -29.54
CA ASP C 5 5.98 41.78 -28.61
C ASP C 5 6.87 40.79 -29.35
N GLU C 6 6.43 39.54 -29.42
CA GLU C 6 7.18 38.48 -30.07
C GLU C 6 6.25 37.68 -30.97
N ASN C 7 6.77 37.28 -32.14
CA ASN C 7 6.14 36.23 -32.93
C ASN C 7 6.05 34.97 -32.09
N PHE C 8 5.21 34.01 -32.49
CA PHE C 8 5.04 32.79 -31.70
C PHE C 8 4.29 33.22 -30.44
N LEU C 9 4.00 32.31 -29.53
CA LEU C 9 3.08 32.54 -28.41
C LEU C 9 1.63 32.56 -28.89
N LEU C 10 1.40 32.64 -30.21
CA LEU C 10 0.03 32.50 -30.69
C LEU C 10 -0.57 31.19 -30.21
N PHE C 11 0.26 30.14 -30.16
CA PHE C 11 -0.24 28.80 -29.93
C PHE C 11 -0.90 28.65 -28.57
N PHE C 12 -0.42 29.40 -27.56
CA PHE C 12 -1.02 29.37 -26.23
C PHE C 12 -2.40 30.01 -26.21
N ARG C 13 -2.59 31.10 -26.97
CA ARG C 13 -3.92 31.67 -27.13
C ARG C 13 -4.83 30.72 -27.89
N LEU C 14 -4.29 30.02 -28.89
CA LEU C 14 -5.06 29.02 -29.61
C LEU C 14 -5.40 27.80 -28.75
N GLU C 15 -4.67 27.60 -27.65
CA GLU C 15 -4.79 26.38 -26.86
C GLU C 15 -5.87 26.55 -25.79
N THR C 16 -6.98 25.87 -25.97
CA THR C 16 -7.95 25.80 -24.89
C THR C 16 -7.69 24.54 -24.06
N PRO C 17 -7.70 24.64 -22.73
CA PRO C 17 -7.34 23.48 -21.89
C PRO C 17 -8.24 22.28 -22.16
N LEU C 18 -7.69 21.11 -21.85
CA LEU C 18 -8.38 19.84 -22.05
C LEU C 18 -8.88 19.32 -20.70
N ASP C 19 -10.19 19.07 -20.62
CA ASP C 19 -10.78 18.54 -19.39
C ASP C 19 -10.59 17.04 -19.27
N ASN C 20 -10.46 16.33 -20.38
CA ASN C 20 -10.52 14.88 -20.40
C ASN C 20 -9.20 14.28 -20.88
N SER C 21 -8.79 13.21 -20.22
CA SER C 21 -7.63 12.44 -20.66
C SER C 21 -7.89 11.68 -21.95
N VAL C 22 -9.13 11.35 -22.26
CA VAL C 22 -9.40 10.62 -23.49
C VAL C 22 -8.97 11.44 -24.71
N GLU C 23 -9.33 12.73 -24.74
CA GLU C 23 -8.97 13.55 -25.90
C GLU C 23 -7.46 13.80 -25.98
N PHE C 24 -6.78 13.85 -24.82
CA PHE C 24 -5.33 13.95 -24.82
C PHE C 24 -4.69 12.70 -25.42
N MET C 25 -5.23 11.52 -25.09
CA MET C 25 -4.67 10.29 -25.62
C MET C 25 -4.92 10.16 -27.11
N GLN C 26 -6.00 10.75 -27.62
CA GLN C 26 -6.24 10.74 -29.06
C GLN C 26 -5.19 11.55 -29.80
N ILE C 27 -4.87 12.75 -29.30
CA ILE C 27 -3.80 13.53 -29.91
C ILE C 27 -2.46 12.82 -29.77
N TRP C 28 -2.19 12.26 -28.58
CA TRP C 28 -0.92 11.57 -28.37
C TRP C 28 -0.78 10.38 -29.30
N ARG C 29 -1.82 9.52 -29.36
CA ARG C 29 -1.78 8.39 -30.27
C ARG C 29 -1.66 8.83 -31.73
N LYS C 30 -2.13 10.02 -32.06
CA LYS C 30 -2.15 10.47 -33.45
C LYS C 30 -0.77 10.90 -33.95
N TYR C 31 0.08 11.44 -33.08
CA TYR C 31 1.34 12.04 -33.53
C TYR C 31 2.58 11.27 -33.08
N ASP C 32 2.43 10.22 -32.28
CA ASP C 32 3.53 9.28 -32.08
C ASP C 32 3.46 8.24 -33.20
N ALA C 33 4.02 8.63 -34.34
CA ALA C 33 3.84 7.85 -35.58
C ALA C 33 4.62 6.54 -35.55
N ASP C 34 5.80 6.52 -34.94
CA ASP C 34 6.59 5.31 -34.86
C ASP C 34 6.31 4.49 -33.61
N SER C 35 5.32 4.92 -32.81
CA SER C 35 4.96 4.23 -31.56
C SER C 35 6.18 4.06 -30.66
N SER C 36 7.01 5.10 -30.59
CA SER C 36 8.22 5.04 -29.79
C SER C 36 7.98 5.38 -28.33
N GLY C 37 6.79 5.88 -27.99
CA GLY C 37 6.50 6.31 -26.63
C GLY C 37 6.88 7.72 -26.31
N PHE C 38 7.49 8.44 -27.25
CA PHE C 38 7.87 9.84 -27.05
C PHE C 38 7.52 10.61 -28.33
N ILE C 39 7.56 11.94 -28.23
CA ILE C 39 7.25 12.82 -29.35
C ILE C 39 8.55 13.43 -29.83
N SER C 40 8.91 13.18 -31.08
CA SER C 40 10.11 13.76 -31.66
C SER C 40 9.83 15.18 -32.12
N ALA C 41 10.90 15.86 -32.57
CA ALA C 41 10.72 17.19 -33.13
C ALA C 41 9.91 17.14 -34.43
N ALA C 42 10.24 16.17 -35.30
CA ALA C 42 9.50 16.00 -36.54
C ALA C 42 8.01 15.78 -36.26
N GLU C 43 7.69 14.95 -35.27
CA GLU C 43 6.29 14.70 -34.97
C GLU C 43 5.60 15.92 -34.36
N LEU C 44 6.32 16.64 -33.50
CA LEU C 44 5.72 17.84 -32.91
C LEU C 44 5.38 18.87 -33.98
N CYS C 45 6.22 18.98 -35.01
CA CYS C 45 5.98 19.95 -36.08
C CYS C 45 4.75 19.56 -36.89
N ASN C 46 4.55 18.25 -37.11
CA ASN C 46 3.30 17.74 -37.69
C ASN C 46 2.10 18.16 -36.87
N PHE C 47 2.21 18.07 -35.54
CA PHE C 47 1.08 18.44 -34.69
C PHE C 47 0.81 19.93 -34.77
N LEU C 48 1.86 20.75 -34.76
CA LEU C 48 1.68 22.19 -34.82
C LEU C 48 1.19 22.63 -36.20
N ARG C 49 1.66 21.97 -37.26
CA ARG C 49 1.20 22.33 -38.60
C ARG C 49 -0.30 22.13 -38.75
N ASP C 50 -0.83 21.01 -38.23
CA ASP C 50 -2.26 20.76 -38.31
C ASP C 50 -3.03 21.67 -37.38
N LEU C 51 -2.53 21.88 -36.17
CA LEU C 51 -3.20 22.76 -35.23
C LEU C 51 -3.43 24.15 -35.81
N PHE C 52 -2.46 24.66 -36.56
CA PHE C 52 -2.58 26.02 -37.06
C PHE C 52 -3.59 26.13 -38.20
N LEU C 53 -3.61 25.14 -39.09
CA LEU C 53 -4.40 25.24 -40.32
C LEU C 53 -5.87 24.93 -40.07
N HIS C 54 -6.17 24.27 -38.94
CA HIS C 54 -7.55 24.17 -38.47
C HIS C 54 -8.09 25.53 -38.05
N HIS C 55 -7.23 26.36 -37.47
CA HIS C 55 -7.53 27.76 -37.20
C HIS C 55 -7.29 28.65 -38.41
N LYS C 56 -6.84 28.09 -39.53
CA LYS C 56 -6.59 28.78 -40.80
C LYS C 56 -5.67 29.99 -40.67
N LYS C 57 -4.93 30.12 -39.58
CA LYS C 57 -3.76 31.00 -39.61
C LYS C 57 -2.71 30.36 -40.51
N ASN C 58 -1.84 31.19 -41.07
CA ASN C 58 -0.91 30.70 -42.10
C ASN C 58 0.53 30.98 -41.73
N ILE C 59 1.39 29.98 -41.96
CA ILE C 59 2.77 29.95 -41.50
C ILE C 59 3.62 29.33 -42.60
N SER C 60 4.65 30.04 -43.03
CA SER C 60 5.64 29.41 -43.89
C SER C 60 6.36 28.34 -43.09
N GLU C 61 6.79 27.28 -43.78
CA GLU C 61 7.43 26.18 -43.08
C GLU C 61 8.77 26.56 -42.48
N ALA C 62 9.28 27.76 -42.78
CA ALA C 62 10.50 28.22 -42.15
C ALA C 62 10.27 28.53 -40.68
N GLU C 63 9.21 29.27 -40.37
CA GLU C 63 8.90 29.57 -38.98
C GLU C 63 8.14 28.45 -38.30
N LEU C 64 7.64 27.46 -39.05
CA LEU C 64 7.13 26.24 -38.42
C LEU C 64 8.27 25.43 -37.81
N GLU C 65 9.38 25.31 -38.53
CA GLU C 65 10.59 24.74 -37.96
C GLU C 65 11.07 25.57 -36.77
N GLU C 66 11.01 26.88 -36.89
CA GLU C 66 11.52 27.77 -35.85
C GLU C 66 10.69 27.64 -34.57
N TYR C 67 9.36 27.61 -34.70
CA TYR C 67 8.51 27.54 -33.52
C TYR C 67 8.52 26.14 -32.93
N THR C 68 8.67 25.10 -33.76
CA THR C 68 8.86 23.75 -33.25
C THR C 68 10.14 23.65 -32.42
N SER C 69 11.24 24.21 -32.94
CA SER C 69 12.49 24.24 -32.18
C SER C 69 12.31 25.02 -30.87
N THR C 70 11.57 26.12 -30.91
CA THR C 70 11.34 26.89 -29.69
C THR C 70 10.57 26.09 -28.66
N MET C 71 9.59 25.29 -29.11
CA MET C 71 8.79 24.50 -28.18
C MET C 71 9.56 23.33 -27.60
N MET C 72 10.47 22.74 -28.38
CA MET C 72 11.32 21.69 -27.83
C MET C 72 12.24 22.24 -26.75
N LYS C 73 12.86 23.39 -27.00
CA LYS C 73 13.74 23.99 -25.99
C LYS C 73 13.00 24.21 -24.67
N ILE C 74 11.73 24.59 -24.76
CA ILE C 74 11.01 25.00 -23.55
C ILE C 74 10.55 23.80 -22.75
N PHE C 75 10.00 22.78 -23.40
CA PHE C 75 9.30 21.71 -22.71
C PHE C 75 10.05 20.38 -22.69
N ASP C 76 11.14 20.24 -23.44
CA ASP C 76 11.98 19.05 -23.31
C ASP C 76 12.77 19.18 -22.01
N LYS C 77 12.33 18.48 -20.98
CA LYS C 77 12.89 18.65 -19.63
C LYS C 77 14.38 18.30 -19.60
N ASN C 78 14.74 17.12 -20.10
CA ASN C 78 16.11 16.62 -20.02
C ASN C 78 16.89 16.76 -21.33
N LYS C 79 16.40 17.58 -22.26
CA LYS C 79 17.15 17.93 -23.47
C LYS C 79 17.66 16.70 -24.23
N ASP C 80 16.89 15.62 -24.20
CA ASP C 80 17.22 14.44 -24.98
C ASP C 80 16.65 14.48 -26.39
N GLY C 81 15.90 15.53 -26.73
CA GLY C 81 15.25 15.63 -28.03
C GLY C 81 13.91 14.93 -28.12
N ARG C 82 13.35 14.48 -27.00
CA ARG C 82 12.09 13.74 -27.01
C ARG C 82 11.19 14.24 -25.90
N LEU C 83 9.94 14.55 -26.26
CA LEU C 83 8.92 14.88 -25.27
C LEU C 83 8.20 13.62 -24.82
N ASP C 84 8.03 13.47 -23.52
CA ASP C 84 7.32 12.31 -23.00
C ASP C 84 5.88 12.73 -22.69
N LEU C 85 5.15 11.83 -22.02
CA LEU C 85 3.71 12.03 -21.82
C LEU C 85 3.42 13.36 -21.15
N ASN C 86 4.12 13.65 -20.04
CA ASN C 86 3.86 14.85 -19.26
C ASN C 86 4.46 16.09 -19.88
N ASP C 87 5.49 15.93 -20.72
CA ASP C 87 5.97 17.04 -21.53
C ASP C 87 4.90 17.52 -22.51
N LEU C 88 4.08 16.60 -23.03
CA LEU C 88 3.00 16.98 -23.95
C LEU C 88 1.73 17.37 -23.23
N ALA C 89 1.49 16.83 -22.02
CA ALA C 89 0.34 17.26 -21.24
C ALA C 89 0.44 18.73 -20.89
N ARG C 90 1.66 19.22 -20.69
CA ARG C 90 1.90 20.64 -20.49
C ARG C 90 1.56 21.43 -21.74
N ILE C 91 1.95 20.92 -22.91
CA ILE C 91 1.73 21.65 -24.15
C ILE C 91 0.24 21.81 -24.43
N LEU C 92 -0.51 20.70 -24.33
CA LEU C 92 -1.94 20.71 -24.60
C LEU C 92 -2.78 21.24 -23.44
N ALA C 93 -2.15 21.61 -22.32
CA ALA C 93 -2.82 22.21 -21.17
C ALA C 93 -3.88 21.27 -20.58
N LEU C 94 -3.48 20.03 -20.31
CA LEU C 94 -4.34 19.06 -19.66
C LEU C 94 -4.46 19.40 -18.18
N GLN C 95 -5.70 19.44 -17.67
CA GLN C 95 -5.92 19.89 -16.30
C GLN C 95 -5.94 18.69 -15.35
N GLU C 96 -6.28 18.95 -14.09
CA GLU C 96 -6.10 17.97 -13.02
C GLU C 96 -6.82 16.66 -13.32
N ASN C 97 -6.22 15.57 -12.84
CA ASN C 97 -6.81 14.24 -12.97
C ASN C 97 -8.29 14.27 -12.60
N PHE C 98 -9.12 13.75 -13.50
CA PHE C 98 -10.56 13.80 -13.32
C PHE C 98 -11.01 12.97 -12.13
N LEU C 99 -10.31 11.88 -11.83
CA LEU C 99 -10.75 10.96 -10.78
C LEU C 99 -10.63 11.57 -9.38
N LEU C 100 -9.89 12.67 -9.24
CA LEU C 100 -9.72 13.32 -7.94
C LEU C 100 -11.00 14.03 -7.47
N GLN C 101 -12.00 14.19 -8.35
CA GLN C 101 -13.28 14.78 -7.97
C GLN C 101 -13.99 13.95 -6.89
N PHE C 102 -13.58 12.70 -6.69
CA PHE C 102 -14.27 11.80 -5.77
C PHE C 102 -13.38 11.46 -4.58
N ASP C 105 -16.08 9.59 -0.58
CA ASP C 105 -16.53 9.09 0.73
C ASP C 105 -17.71 8.14 0.60
N ALA C 106 -18.45 8.30 -0.51
CA ALA C 106 -19.70 7.58 -0.70
C ALA C 106 -19.49 6.07 -0.62
N SER C 107 -20.03 5.45 0.44
CA SER C 107 -19.90 4.02 0.64
C SER C 107 -21.19 3.25 0.36
N SER C 108 -22.33 3.93 0.33
CA SER C 108 -23.61 3.33 -0.01
C SER C 108 -23.50 2.56 -1.34
N THR C 109 -24.40 1.60 -1.53
CA THR C 109 -24.37 0.85 -2.79
C THR C 109 -24.93 1.67 -3.94
N GLU C 110 -25.82 2.61 -3.66
CA GLU C 110 -26.44 3.42 -4.71
C GLU C 110 -25.67 4.70 -5.01
N GLU C 111 -24.91 5.22 -4.04
CA GLU C 111 -24.05 6.35 -4.33
C GLU C 111 -22.85 5.92 -5.17
N ARG C 112 -22.33 4.70 -4.96
CA ARG C 112 -21.23 4.21 -5.77
C ARG C 112 -21.69 3.97 -7.21
N LYS C 113 -22.89 3.45 -7.41
CA LYS C 113 -23.42 3.30 -8.76
C LYS C 113 -23.60 4.67 -9.42
N ARG C 114 -24.00 5.67 -8.63
CA ARG C 114 -24.13 7.02 -9.16
C ARG C 114 -22.79 7.57 -9.62
N ASP C 115 -21.73 7.37 -8.82
CA ASP C 115 -20.41 7.85 -9.20
C ASP C 115 -19.86 7.07 -10.40
N PHE C 116 -20.09 5.76 -10.44
CA PHE C 116 -19.62 4.95 -11.56
C PHE C 116 -20.23 5.40 -12.87
N GLU C 117 -21.49 5.86 -12.84
CA GLU C 117 -22.11 6.38 -14.05
C GLU C 117 -21.40 7.65 -14.51
N LYS C 118 -21.14 8.59 -13.59
CA LYS C 118 -20.44 9.81 -13.94
C LYS C 118 -19.03 9.51 -14.46
N ILE C 119 -18.36 8.51 -13.89
CA ILE C 119 -17.01 8.18 -14.32
C ILE C 119 -17.03 7.54 -15.70
N PHE C 120 -17.88 6.53 -15.89
CA PHE C 120 -17.95 5.88 -17.20
C PHE C 120 -18.46 6.84 -18.27
N ALA C 121 -19.33 7.78 -17.91
CA ALA C 121 -19.78 8.77 -18.88
C ALA C 121 -18.61 9.66 -19.32
N HIS C 122 -17.70 9.97 -18.39
CA HIS C 122 -16.57 10.83 -18.71
C HIS C 122 -15.64 10.19 -19.73
N TYR C 123 -15.36 8.89 -19.58
CA TYR C 123 -14.41 8.22 -20.45
C TYR C 123 -15.05 7.61 -21.69
N ASP C 124 -16.38 7.47 -21.73
CA ASP C 124 -17.07 6.99 -22.93
C ASP C 124 -17.49 8.22 -23.73
N VAL C 125 -16.53 8.80 -24.43
CA VAL C 125 -16.82 9.95 -25.28
C VAL C 125 -17.64 9.53 -26.49
N SER C 126 -17.38 8.32 -27.00
CA SER C 126 -18.02 7.81 -28.22
C SER C 126 -19.47 7.43 -28.01
N LYS C 127 -19.95 7.39 -26.76
CA LYS C 127 -21.33 7.04 -26.45
C LYS C 127 -21.71 5.69 -27.06
N THR C 128 -20.80 4.72 -27.00
CA THR C 128 -21.07 3.36 -27.45
C THR C 128 -21.42 2.41 -26.31
N GLY C 129 -21.18 2.79 -25.06
CA GLY C 129 -21.36 1.89 -23.95
C GLY C 129 -20.21 0.94 -23.69
N ALA C 130 -19.06 1.17 -24.31
CA ALA C 130 -17.89 0.31 -24.10
C ALA C 130 -16.63 1.13 -24.31
N LEU C 131 -15.62 0.90 -23.46
CA LEU C 131 -14.37 1.64 -23.57
C LEU C 131 -13.47 1.01 -24.62
N GLU C 132 -12.97 1.83 -25.54
CA GLU C 132 -12.22 1.34 -26.70
C GLU C 132 -11.16 2.35 -27.08
N GLY C 133 -9.99 1.85 -27.49
CA GLY C 133 -8.95 2.68 -28.03
C GLY C 133 -8.41 3.69 -27.02
N PRO C 134 -8.37 4.96 -27.43
CA PRO C 134 -7.88 6.00 -26.51
C PRO C 134 -8.80 6.27 -25.34
N GLU C 135 -9.97 5.62 -25.29
CA GLU C 135 -10.78 5.71 -24.07
C GLU C 135 -10.18 4.85 -22.97
N VAL C 136 -9.61 3.69 -23.34
CA VAL C 136 -8.89 2.87 -22.38
C VAL C 136 -7.65 3.61 -21.88
N ASP C 137 -6.89 4.20 -22.80
CA ASP C 137 -5.65 4.89 -22.42
C ASP C 137 -5.95 6.02 -21.44
N GLY C 138 -6.92 6.88 -21.76
CA GLY C 138 -7.27 7.97 -20.88
C GLY C 138 -7.63 7.50 -19.48
N PHE C 139 -8.48 6.47 -19.40
CA PHE C 139 -8.82 5.89 -18.11
C PHE C 139 -7.59 5.29 -17.42
N VAL C 140 -6.76 4.58 -18.19
CA VAL C 140 -5.58 3.94 -17.61
C VAL C 140 -4.62 4.99 -17.05
N LYS C 141 -4.43 6.08 -17.81
CA LYS C 141 -3.56 7.15 -17.32
C LYS C 141 -4.07 7.71 -15.99
N ASP C 142 -5.34 8.11 -15.96
CA ASP C 142 -5.89 8.70 -14.74
C ASP C 142 -5.91 7.70 -13.59
N MET C 143 -6.09 6.41 -13.88
CA MET C 143 -6.13 5.43 -12.81
C MET C 143 -4.73 5.10 -12.28
N MET C 144 -3.75 4.94 -13.18
CA MET C 144 -2.40 4.58 -12.73
C MET C 144 -1.74 5.71 -11.94
N GLU C 145 -2.03 6.96 -12.29
CA GLU C 145 -1.43 8.09 -11.57
C GLU C 145 -2.04 8.31 -10.19
N LEU C 146 -2.93 7.42 -9.74
CA LEU C 146 -3.36 7.40 -8.35
C LEU C 146 -2.54 6.46 -7.49
N VAL C 147 -1.69 5.62 -8.09
CA VAL C 147 -0.96 4.59 -7.35
C VAL C 147 0.54 4.63 -7.56
N GLN C 148 1.03 5.42 -8.52
CA GLN C 148 2.46 5.48 -8.79
C GLN C 148 2.77 6.85 -9.39
N PRO C 149 4.06 7.21 -9.50
CA PRO C 149 4.41 8.57 -9.93
C PRO C 149 3.82 8.99 -11.28
N SER C 150 4.26 8.39 -12.38
CA SER C 150 3.65 8.67 -13.67
C SER C 150 4.08 7.62 -14.68
N ILE C 151 3.25 7.45 -15.70
CA ILE C 151 3.41 6.38 -16.67
C ILE C 151 4.28 6.85 -17.82
N SER C 152 4.98 5.91 -18.44
CA SER C 152 5.72 6.19 -19.67
C SER C 152 4.84 5.85 -20.88
N GLY C 153 5.10 6.55 -21.99
CA GLY C 153 4.35 6.27 -23.20
C GLY C 153 4.53 4.86 -23.71
N VAL C 154 5.67 4.23 -23.41
CA VAL C 154 5.90 2.87 -23.86
C VAL C 154 5.09 1.87 -23.05
N ASP C 155 4.70 2.23 -21.83
CA ASP C 155 4.00 1.31 -20.96
C ASP C 155 2.52 1.15 -21.30
N LEU C 156 1.93 2.12 -22.01
CA LEU C 156 0.47 2.14 -22.15
C LEU C 156 -0.03 1.02 -23.05
N ASP C 157 0.78 0.57 -24.01
CA ASP C 157 0.43 -0.63 -24.75
C ASP C 157 0.50 -1.86 -23.85
N LYS C 158 1.45 -1.88 -22.91
CA LYS C 158 1.47 -2.94 -21.91
C LYS C 158 0.27 -2.80 -20.96
N PHE C 159 -0.06 -1.58 -20.57
CA PHE C 159 -1.10 -1.36 -19.57
C PHE C 159 -2.47 -1.78 -20.10
N ARG C 160 -2.79 -1.40 -21.34
CA ARG C 160 -4.07 -1.76 -21.92
C ARG C 160 -4.23 -3.27 -22.01
N GLU C 161 -3.19 -3.97 -22.45
CA GLU C 161 -3.20 -5.42 -22.51
C GLU C 161 -3.52 -6.02 -21.14
N ILE C 162 -2.86 -5.52 -20.10
CA ILE C 162 -3.08 -6.06 -18.76
C ILE C 162 -4.50 -5.77 -18.30
N LEU C 163 -4.97 -4.55 -18.54
CA LEU C 163 -6.30 -4.17 -18.07
C LEU C 163 -7.39 -5.01 -18.72
N LEU C 164 -7.23 -5.33 -20.00
CA LEU C 164 -8.24 -6.13 -20.69
C LEU C 164 -8.30 -7.54 -20.13
N ARG C 165 -7.15 -8.15 -19.85
CA ARG C 165 -7.13 -9.49 -19.25
C ARG C 165 -7.76 -9.51 -17.86
N HIS C 166 -7.97 -8.34 -17.24
CA HIS C 166 -8.62 -8.26 -15.95
C HIS C 166 -10.14 -8.14 -16.07
N CYS C 167 -10.64 -7.33 -16.99
CA CYS C 167 -12.04 -6.94 -16.98
C CYS C 167 -12.79 -7.28 -18.26
N ASP C 168 -12.14 -7.84 -19.28
CA ASP C 168 -12.83 -8.23 -20.51
C ASP C 168 -13.40 -9.64 -20.31
N VAL C 169 -14.61 -9.71 -19.76
CA VAL C 169 -15.17 -11.01 -19.39
C VAL C 169 -15.63 -11.78 -20.63
N ASN C 170 -16.17 -11.09 -21.63
CA ASN C 170 -16.63 -11.75 -22.85
C ASN C 170 -15.55 -11.85 -23.92
N LYS C 171 -14.38 -11.25 -23.68
CA LYS C 171 -13.19 -11.43 -24.52
C LYS C 171 -13.42 -10.94 -25.95
N ASP C 172 -13.97 -9.74 -26.08
CA ASP C 172 -14.23 -9.13 -27.37
C ASP C 172 -13.30 -7.97 -27.70
N GLY C 173 -12.43 -7.55 -26.78
CA GLY C 173 -11.44 -6.52 -27.02
C GLY C 173 -11.81 -5.13 -26.54
N LYS C 174 -13.03 -4.94 -26.04
CA LYS C 174 -13.45 -3.67 -25.49
C LYS C 174 -14.10 -3.92 -24.13
N ILE C 175 -14.16 -2.87 -23.32
CA ILE C 175 -14.61 -2.96 -21.93
C ILE C 175 -16.01 -2.36 -21.87
N GLN C 176 -17.01 -3.23 -21.87
CA GLN C 176 -18.38 -2.77 -21.70
C GLN C 176 -18.58 -2.22 -20.29
N LYS C 177 -19.66 -1.43 -20.15
CA LYS C 177 -20.04 -0.88 -18.85
C LYS C 177 -20.11 -1.96 -17.77
N SER C 178 -20.89 -3.02 -18.01
CA SER C 178 -21.05 -4.06 -17.00
C SER C 178 -19.71 -4.66 -16.58
N GLU C 179 -18.80 -4.82 -17.55
CA GLU C 179 -17.50 -5.43 -17.27
C GLU C 179 -16.67 -4.56 -16.32
N LEU C 180 -16.61 -3.26 -16.60
CA LEU C 180 -15.87 -2.37 -15.70
C LEU C 180 -16.52 -2.32 -14.33
N ALA C 181 -17.85 -2.35 -14.28
CA ALA C 181 -18.55 -2.40 -13.01
C ALA C 181 -18.21 -3.68 -12.24
N LEU C 182 -18.15 -4.82 -12.94
CA LEU C 182 -17.95 -6.09 -12.26
C LEU C 182 -16.54 -6.21 -11.69
N CYS C 183 -15.52 -5.77 -12.43
CA CYS C 183 -14.16 -5.94 -11.93
C CYS C 183 -13.78 -4.86 -10.93
N LEU C 184 -14.59 -3.82 -10.76
CA LEU C 184 -14.47 -2.93 -9.62
C LEU C 184 -15.22 -3.44 -8.40
N GLY C 185 -15.94 -4.55 -8.53
CA GLY C 185 -16.65 -5.15 -7.42
C GLY C 185 -18.04 -4.62 -7.17
N LEU C 186 -18.71 -4.11 -8.19
CA LEU C 186 -19.98 -3.42 -8.02
C LEU C 186 -21.13 -4.26 -8.55
N LYS C 187 -22.28 -4.11 -7.90
CA LYS C 187 -23.54 -4.74 -8.30
C LYS C 187 -23.74 -4.87 -9.82
N PHE D 12 17.79 34.23 -22.83
CA PHE D 12 17.21 33.38 -21.80
C PHE D 12 17.70 31.95 -21.88
N ARG D 13 17.39 31.17 -20.84
CA ARG D 13 17.78 29.77 -20.69
C ARG D 13 19.29 29.65 -20.45
N LEU D 14 20.00 30.79 -20.45
CA LEU D 14 21.45 30.74 -20.26
C LEU D 14 21.84 30.16 -18.91
N GLU D 15 20.95 30.25 -17.92
CA GLU D 15 21.25 29.61 -16.64
C GLU D 15 21.30 28.10 -16.84
N THR D 16 22.26 27.46 -16.15
CA THR D 16 22.59 26.06 -16.32
C THR D 16 21.56 25.16 -15.63
N PRO D 17 21.35 23.93 -16.13
CA PRO D 17 20.42 23.03 -15.45
C PRO D 17 20.87 22.69 -14.05
N LEU D 18 19.90 22.56 -13.14
CA LEU D 18 20.15 22.21 -11.75
C LEU D 18 20.15 20.69 -11.58
N ASP D 19 21.18 20.17 -10.93
CA ASP D 19 21.30 18.73 -10.71
C ASP D 19 20.99 18.32 -9.28
N ASN D 20 20.55 19.27 -8.46
CA ASN D 20 20.34 19.03 -7.04
C ASN D 20 19.03 19.69 -6.63
N SER D 21 18.08 18.89 -6.13
CA SER D 21 16.84 19.46 -5.63
C SER D 21 17.07 20.35 -4.41
N VAL D 22 18.21 20.22 -3.74
CA VAL D 22 18.49 21.08 -2.58
C VAL D 22 18.69 22.53 -3.03
N GLU D 23 19.52 22.74 -4.05
CA GLU D 23 19.74 24.10 -4.55
C GLU D 23 18.47 24.66 -5.19
N PHE D 24 17.62 23.79 -5.70
CA PHE D 24 16.31 24.23 -6.18
C PHE D 24 15.48 24.79 -5.03
N MET D 25 15.40 24.03 -3.93
CA MET D 25 14.60 24.48 -2.80
C MET D 25 15.16 25.77 -2.19
N GLN D 26 16.48 25.97 -2.29
CA GLN D 26 17.05 27.26 -1.90
C GLN D 26 16.42 28.40 -2.68
N ILE D 27 16.37 28.27 -4.01
CA ILE D 27 15.74 29.31 -4.84
C ILE D 27 14.27 29.46 -4.50
N TRP D 28 13.55 28.33 -4.44
CA TRP D 28 12.11 28.38 -4.16
C TRP D 28 11.84 29.09 -2.83
N ARG D 29 12.56 28.70 -1.77
CA ARG D 29 12.34 29.32 -0.46
C ARG D 29 12.72 30.79 -0.47
N LYS D 30 13.64 31.19 -1.35
CA LYS D 30 14.10 32.56 -1.39
C LYS D 30 13.05 33.49 -1.99
N TYR D 31 12.33 33.05 -3.03
CA TYR D 31 11.42 33.95 -3.73
C TYR D 31 9.96 33.76 -3.37
N ASP D 32 9.60 32.66 -2.69
CA ASP D 32 8.27 32.54 -2.10
C ASP D 32 8.30 33.30 -0.77
N ALA D 33 8.27 34.62 -0.90
CA ALA D 33 8.55 35.52 0.23
C ALA D 33 7.51 35.41 1.32
N ASP D 34 6.24 35.22 0.96
CA ASP D 34 5.16 35.08 1.93
C ASP D 34 4.91 33.64 2.33
N SER D 35 5.71 32.68 1.86
CA SER D 35 5.51 31.27 2.16
C SER D 35 4.08 30.83 1.84
N SER D 36 3.50 31.39 0.78
CA SER D 36 2.15 31.00 0.38
C SER D 36 2.11 29.59 -0.21
N GLY D 37 3.26 29.06 -0.63
CA GLY D 37 3.30 27.82 -1.37
C GLY D 37 3.26 27.99 -2.87
N PHE D 38 3.10 29.21 -3.37
CA PHE D 38 3.08 29.49 -4.79
C PHE D 38 3.98 30.69 -5.07
N ILE D 39 4.31 30.88 -6.35
CA ILE D 39 5.08 32.04 -6.80
C ILE D 39 4.13 32.95 -7.58
N SER D 40 3.87 34.14 -7.04
CA SER D 40 3.05 35.11 -7.75
C SER D 40 3.88 35.79 -8.83
N ALA D 41 3.20 36.65 -9.62
CA ALA D 41 3.90 37.35 -10.69
C ALA D 41 4.93 38.32 -10.12
N ALA D 42 4.60 39.00 -9.01
CA ALA D 42 5.55 39.89 -8.38
C ALA D 42 6.80 39.14 -7.93
N GLU D 43 6.62 37.95 -7.35
CA GLU D 43 7.76 37.16 -6.93
C GLU D 43 8.57 36.66 -8.12
N LEU D 44 7.91 36.37 -9.25
CA LEU D 44 8.67 35.91 -10.41
C LEU D 44 9.51 37.04 -10.99
N CYS D 45 8.99 38.26 -10.97
CA CYS D 45 9.74 39.40 -11.48
C CYS D 45 11.01 39.63 -10.66
N ASN D 46 10.88 39.51 -9.34
CA ASN D 46 12.06 39.53 -8.47
C ASN D 46 13.09 38.51 -8.92
N PHE D 47 12.64 37.27 -9.16
CA PHE D 47 13.55 36.21 -9.55
C PHE D 47 14.26 36.54 -10.85
N LEU D 48 13.52 37.05 -11.85
CA LEU D 48 14.13 37.36 -13.13
C LEU D 48 15.09 38.53 -13.03
N ARG D 49 14.74 39.55 -12.23
CA ARG D 49 15.61 40.70 -12.04
C ARG D 49 16.96 40.27 -11.48
N ASP D 50 16.95 39.48 -10.41
CA ASP D 50 18.20 38.95 -9.87
C ASP D 50 18.92 38.10 -10.90
N LEU D 51 18.16 37.40 -11.75
CA LEU D 51 18.79 36.54 -12.75
C LEU D 51 19.52 37.34 -13.81
N PHE D 52 18.93 38.45 -14.26
CA PHE D 52 19.56 39.26 -15.30
C PHE D 52 20.74 40.05 -14.75
N LEU D 53 20.61 40.60 -13.55
CA LEU D 53 21.72 41.32 -12.93
C LEU D 53 22.89 40.38 -12.63
N HIS D 54 22.59 39.15 -12.20
CA HIS D 54 23.64 38.18 -11.95
C HIS D 54 24.35 37.74 -13.22
N HIS D 55 23.69 37.87 -14.37
CA HIS D 55 24.30 37.54 -15.65
C HIS D 55 24.98 38.74 -16.33
N LYS D 56 24.85 39.95 -15.75
CA LYS D 56 25.47 41.19 -16.21
C LYS D 56 24.71 41.83 -17.38
N LYS D 57 23.40 41.63 -17.44
CA LYS D 57 22.63 41.99 -18.63
C LYS D 57 21.62 43.07 -18.33
N ASN D 58 21.65 44.13 -19.14
CA ASN D 58 20.77 45.27 -18.94
C ASN D 58 19.41 44.97 -19.54
N ILE D 59 18.37 45.47 -18.90
CA ILE D 59 17.02 45.32 -19.41
C ILE D 59 16.16 46.45 -18.84
N SER D 60 15.35 47.06 -19.69
CA SER D 60 14.39 48.04 -19.19
C SER D 60 13.47 47.38 -18.17
N GLU D 61 12.73 48.21 -17.45
CA GLU D 61 11.68 47.67 -16.61
C GLU D 61 10.41 47.35 -17.40
N ALA D 62 10.29 47.88 -18.62
CA ALA D 62 9.16 47.53 -19.46
C ALA D 62 9.35 46.16 -20.10
N GLU D 63 10.59 45.82 -20.48
CA GLU D 63 10.84 44.46 -20.97
C GLU D 63 10.73 43.44 -19.85
N LEU D 64 11.21 43.79 -18.65
CA LEU D 64 11.24 42.81 -17.56
C LEU D 64 9.84 42.39 -17.15
N GLU D 65 8.87 43.31 -17.19
CA GLU D 65 7.50 42.94 -16.86
C GLU D 65 6.81 42.30 -18.07
N GLU D 66 7.17 42.71 -19.28
CA GLU D 66 6.81 41.93 -20.46
C GLU D 66 7.34 40.51 -20.31
N TYR D 67 8.62 40.39 -20.00
CA TYR D 67 9.24 39.08 -19.91
C TYR D 67 8.64 38.25 -18.78
N THR D 68 8.33 38.89 -17.65
CA THR D 68 7.72 38.17 -16.54
C THR D 68 6.35 37.63 -16.92
N SER D 69 5.55 38.44 -17.60
CA SER D 69 4.21 38.01 -17.99
C SER D 69 4.28 36.89 -19.03
N THR D 70 5.22 36.97 -19.98
CA THR D 70 5.37 35.90 -20.96
C THR D 70 5.80 34.60 -20.29
N MET D 71 6.71 34.70 -19.31
CA MET D 71 7.08 33.54 -18.51
C MET D 71 5.88 32.95 -17.78
N MET D 72 5.00 33.81 -17.26
CA MET D 72 3.91 33.34 -16.42
C MET D 72 2.86 32.59 -17.23
N LYS D 73 2.70 32.90 -18.52
CA LYS D 73 1.67 32.21 -19.29
C LYS D 73 2.17 30.88 -19.85
N ILE D 74 3.46 30.78 -20.14
CA ILE D 74 4.03 29.52 -20.63
C ILE D 74 3.95 28.43 -19.57
N PHE D 75 4.30 28.76 -18.33
CA PHE D 75 4.53 27.75 -17.31
C PHE D 75 3.44 27.64 -16.25
N ASP D 76 2.50 28.58 -16.20
CA ASP D 76 1.30 28.45 -15.37
C ASP D 76 0.42 27.38 -15.99
N LYS D 77 0.54 26.14 -15.51
CA LYS D 77 -0.12 25.02 -16.16
C LYS D 77 -1.64 25.15 -16.07
N ASN D 78 -2.17 25.33 -14.86
CA ASN D 78 -3.61 25.43 -14.67
C ASN D 78 -4.12 26.85 -14.77
N LYS D 79 -3.34 27.75 -15.35
CA LYS D 79 -3.66 29.16 -15.54
C LYS D 79 -4.54 29.68 -14.40
N ASP D 80 -3.94 29.79 -13.22
CA ASP D 80 -4.58 30.45 -12.09
C ASP D 80 -3.79 31.67 -11.63
N GLY D 81 -2.73 32.04 -12.34
CA GLY D 81 -1.93 33.20 -12.01
C GLY D 81 -0.69 32.91 -11.20
N ARG D 82 -0.54 31.71 -10.68
CA ARG D 82 0.57 31.39 -9.81
C ARG D 82 1.40 30.25 -10.41
N LEU D 83 2.68 30.25 -10.08
CA LEU D 83 3.55 29.14 -10.41
C LEU D 83 3.64 28.20 -9.21
N ASP D 84 3.59 26.90 -9.48
CA ASP D 84 3.73 25.91 -8.44
C ASP D 84 5.15 25.36 -8.46
N LEU D 85 5.43 24.49 -7.50
CA LEU D 85 6.76 23.88 -7.38
C LEU D 85 7.27 23.34 -8.71
N ASN D 86 6.41 22.64 -9.46
CA ASN D 86 6.84 22.02 -10.71
C ASN D 86 6.97 23.04 -11.84
N ASP D 87 6.16 24.09 -11.82
CA ASP D 87 6.30 25.15 -12.82
C ASP D 87 7.69 25.79 -12.73
N LEU D 88 8.11 26.16 -11.51
CA LEU D 88 9.41 26.80 -11.36
C LEU D 88 10.55 25.81 -11.58
N ALA D 89 10.32 24.53 -11.29
CA ALA D 89 11.35 23.54 -11.59
C ALA D 89 11.63 23.42 -13.08
N ARG D 90 10.64 23.74 -13.92
CA ARG D 90 10.88 23.70 -15.36
C ARG D 90 11.61 24.95 -15.85
N ILE D 91 11.39 26.09 -15.19
CA ILE D 91 12.12 27.30 -15.52
C ILE D 91 13.60 27.17 -15.15
N LEU D 92 13.92 26.44 -14.09
CA LEU D 92 15.29 26.27 -13.63
C LEU D 92 15.97 25.04 -14.22
N ALA D 93 15.25 24.24 -15.01
CA ALA D 93 15.81 23.06 -15.69
C ALA D 93 16.34 22.04 -14.68
N LEU D 94 15.59 21.83 -13.60
CA LEU D 94 15.94 20.78 -12.64
C LEU D 94 15.86 19.42 -13.33
N GLN D 95 16.94 18.64 -13.23
CA GLN D 95 17.00 17.40 -13.98
C GLN D 95 16.37 16.26 -13.18
N GLU D 96 16.53 15.05 -13.70
CA GLU D 96 15.79 13.90 -13.19
C GLU D 96 16.13 13.63 -11.72
N ASN D 97 15.19 13.00 -11.03
CA ASN D 97 15.31 12.72 -9.61
C ASN D 97 16.60 11.95 -9.32
N PHE D 98 17.40 12.48 -8.41
CA PHE D 98 18.64 11.81 -8.01
C PHE D 98 18.38 10.38 -7.57
N LEU D 99 17.24 10.12 -6.91
CA LEU D 99 17.00 8.81 -6.34
C LEU D 99 16.70 7.75 -7.38
N LEU D 100 16.38 8.15 -8.62
CA LEU D 100 16.02 7.18 -9.65
C LEU D 100 17.23 6.41 -10.16
N GLN D 101 18.42 7.00 -10.10
CA GLN D 101 19.63 6.34 -10.60
C GLN D 101 19.94 5.05 -9.87
N PHE D 102 19.28 4.76 -8.75
CA PHE D 102 19.51 3.51 -8.02
C PHE D 102 18.59 2.44 -8.63
N LYS D 103 19.00 2.06 -9.84
CA LYS D 103 18.32 1.08 -10.67
C LYS D 103 18.69 -0.36 -10.31
N MET D 104 19.93 -0.58 -9.88
CA MET D 104 20.37 -1.92 -9.49
C MET D 104 19.70 -2.32 -8.17
N ASP D 105 19.60 -3.64 -7.97
CA ASP D 105 18.93 -4.21 -6.80
C ASP D 105 19.99 -4.57 -5.76
N ALA D 106 20.35 -3.57 -4.94
CA ALA D 106 21.49 -3.65 -4.05
C ALA D 106 20.98 -3.76 -2.62
N SER D 107 20.60 -4.98 -2.22
CA SER D 107 20.01 -5.25 -0.92
C SER D 107 21.00 -5.79 0.11
N SER D 108 22.28 -5.92 -0.24
CA SER D 108 23.21 -6.34 0.79
C SER D 108 23.37 -5.23 1.82
N THR D 109 23.87 -5.63 2.98
CA THR D 109 24.26 -4.66 4.00
C THR D 109 25.34 -3.71 3.48
N GLU D 110 26.27 -4.23 2.66
CA GLU D 110 27.38 -3.40 2.18
C GLU D 110 26.94 -2.48 1.04
N GLU D 111 26.05 -2.98 0.17
CA GLU D 111 25.55 -2.15 -0.92
C GLU D 111 24.56 -1.11 -0.42
N ARG D 112 23.77 -1.43 0.62
CA ARG D 112 22.83 -0.47 1.17
C ARG D 112 23.55 0.70 1.83
N LYS D 113 24.62 0.43 2.57
CA LYS D 113 25.37 1.51 3.22
C LYS D 113 26.27 2.24 2.23
N ARG D 114 26.72 1.56 1.18
CA ARG D 114 27.39 2.25 0.09
C ARG D 114 26.47 3.27 -0.55
N ASP D 115 25.23 2.87 -0.85
CA ASP D 115 24.30 3.79 -1.50
C ASP D 115 23.81 4.87 -0.53
N PHE D 116 23.72 4.56 0.77
CA PHE D 116 23.33 5.57 1.74
C PHE D 116 24.40 6.66 1.86
N GLU D 117 25.67 6.26 1.81
CA GLU D 117 26.76 7.22 1.85
C GLU D 117 26.65 8.23 0.71
N LYS D 118 26.41 7.73 -0.50
CA LYS D 118 26.28 8.59 -1.67
C LYS D 118 25.04 9.47 -1.58
N ILE D 119 23.93 8.91 -1.10
CA ILE D 119 22.67 9.67 -1.05
C ILE D 119 22.78 10.82 -0.05
N PHE D 120 23.26 10.53 1.16
CA PHE D 120 23.35 11.57 2.18
C PHE D 120 24.36 12.65 1.80
N ALA D 121 25.49 12.26 1.21
CA ALA D 121 26.47 13.26 0.78
C ALA D 121 25.88 14.18 -0.28
N HIS D 122 24.94 13.68 -1.08
CA HIS D 122 24.32 14.48 -2.13
C HIS D 122 23.41 15.55 -1.54
N TYR D 123 22.63 15.19 -0.51
CA TYR D 123 21.69 16.16 0.06
C TYR D 123 22.35 17.02 1.13
N ASP D 124 23.44 16.55 1.73
CA ASP D 124 24.24 17.36 2.64
C ASP D 124 25.23 18.15 1.78
N VAL D 125 24.80 19.34 1.35
CA VAL D 125 25.65 20.17 0.50
C VAL D 125 26.51 21.14 1.30
N SER D 126 26.22 21.36 2.57
CA SER D 126 27.08 22.16 3.43
C SER D 126 28.06 21.31 4.22
N LYS D 127 27.97 19.98 4.12
CA LYS D 127 28.94 19.04 4.71
C LYS D 127 29.06 19.21 6.22
N THR D 128 27.90 19.29 6.89
CA THR D 128 27.85 19.45 8.33
C THR D 128 27.48 18.17 9.07
N GLY D 129 27.00 17.15 8.37
CA GLY D 129 26.60 15.90 9.00
C GLY D 129 25.12 15.75 9.26
N ALA D 130 24.33 16.81 9.05
CA ALA D 130 22.89 16.75 9.23
C ALA D 130 22.23 17.54 8.10
N LEU D 131 20.93 17.31 7.93
CA LEU D 131 20.14 18.01 6.92
C LEU D 131 19.41 19.17 7.61
N GLU D 132 19.74 20.39 7.20
CA GLU D 132 19.15 21.59 7.75
C GLU D 132 18.49 22.38 6.64
N GLY D 133 17.34 22.98 6.96
CA GLY D 133 16.66 23.89 6.06
C GLY D 133 16.36 23.30 4.69
N PRO D 134 16.87 23.95 3.65
CA PRO D 134 16.51 23.53 2.27
C PRO D 134 17.01 22.16 1.90
N GLU D 135 17.95 21.58 2.66
CA GLU D 135 18.40 20.22 2.38
C GLU D 135 17.33 19.20 2.75
N VAL D 136 16.55 19.50 3.78
CA VAL D 136 15.42 18.64 4.12
C VAL D 136 14.33 18.77 3.08
N ASP D 137 14.08 19.99 2.61
CA ASP D 137 13.11 20.19 1.53
C ASP D 137 13.48 19.36 0.31
N GLY D 138 14.76 19.43 -0.10
CA GLY D 138 15.17 18.72 -1.30
C GLY D 138 15.00 17.21 -1.17
N PHE D 139 15.32 16.66 0.00
CA PHE D 139 15.11 15.23 0.23
C PHE D 139 13.63 14.89 0.19
N VAL D 140 12.81 15.69 0.89
CA VAL D 140 11.37 15.46 0.90
C VAL D 140 10.81 15.43 -0.52
N LYS D 141 11.15 16.44 -1.31
CA LYS D 141 10.65 16.51 -2.68
C LYS D 141 11.01 15.26 -3.47
N ASP D 142 12.29 14.90 -3.47
CA ASP D 142 12.73 13.72 -4.22
C ASP D 142 12.14 12.44 -3.65
N MET D 143 11.89 12.41 -2.34
CA MET D 143 11.30 11.22 -1.74
C MET D 143 9.82 11.10 -2.08
N MET D 144 9.05 12.17 -1.82
CA MET D 144 7.62 12.15 -2.11
C MET D 144 7.33 11.97 -3.61
N GLU D 145 8.34 12.08 -4.47
CA GLU D 145 8.11 11.87 -5.91
C GLU D 145 8.32 10.42 -6.34
N LEU D 146 8.80 9.55 -5.45
CA LEU D 146 8.70 8.12 -5.68
C LEU D 146 7.32 7.59 -5.36
N VAL D 147 6.53 8.35 -4.60
CA VAL D 147 5.20 7.92 -4.18
C VAL D 147 4.14 8.34 -5.19
N GLN D 148 4.14 9.62 -5.57
CA GLN D 148 3.07 10.22 -6.35
C GLN D 148 3.66 11.15 -7.41
N PRO D 149 2.87 11.60 -8.41
CA PRO D 149 3.45 12.37 -9.53
C PRO D 149 4.21 13.62 -9.10
N SER D 150 3.54 14.52 -8.41
CA SER D 150 4.15 15.78 -8.01
C SER D 150 3.59 16.17 -6.65
N ILE D 151 4.19 17.21 -6.06
CA ILE D 151 3.68 17.79 -4.82
C ILE D 151 3.62 19.30 -5.00
N SER D 152 2.68 19.91 -4.30
CA SER D 152 2.54 21.35 -4.26
C SER D 152 3.45 21.95 -3.21
N GLY D 153 3.58 23.28 -3.24
CA GLY D 153 4.36 23.97 -2.23
C GLY D 153 3.74 23.83 -0.85
N VAL D 154 2.40 23.84 -0.77
CA VAL D 154 1.75 23.70 0.53
C VAL D 154 1.92 22.28 1.06
N ASP D 155 1.90 21.28 0.17
CA ASP D 155 2.10 19.90 0.62
C ASP D 155 3.50 19.69 1.16
N LEU D 156 4.50 20.36 0.59
CA LEU D 156 5.88 20.16 1.01
C LEU D 156 6.11 20.69 2.43
N ASP D 157 5.43 21.77 2.81
CA ASP D 157 5.57 22.30 4.15
C ASP D 157 5.01 21.33 5.19
N LYS D 158 3.89 20.66 4.87
CA LYS D 158 3.30 19.69 5.79
C LYS D 158 4.08 18.39 5.79
N PHE D 159 4.55 17.95 4.61
CA PHE D 159 5.39 16.76 4.55
C PHE D 159 6.66 16.95 5.36
N ARG D 160 7.23 18.16 5.30
CA ARG D 160 8.43 18.46 6.08
C ARG D 160 8.17 18.28 7.57
N GLU D 161 7.09 18.88 8.07
CA GLU D 161 6.74 18.75 9.49
C GLU D 161 6.60 17.29 9.88
N ILE D 162 5.97 16.48 9.03
CA ILE D 162 5.76 15.07 9.37
C ILE D 162 7.08 14.31 9.38
N LEU D 163 7.96 14.58 8.42
CA LEU D 163 9.23 13.88 8.36
C LEU D 163 10.08 14.15 9.60
N LEU D 164 10.06 15.40 10.09
CA LEU D 164 10.88 15.77 11.24
C LEU D 164 10.37 15.09 12.51
N ARG D 165 9.06 15.14 12.74
CA ARG D 165 8.48 14.46 13.90
C ARG D 165 8.71 12.96 13.83
N HIS D 166 9.00 12.42 12.64
CA HIS D 166 9.26 11.01 12.47
C HIS D 166 10.72 10.67 12.78
N CYS D 167 11.65 11.40 12.18
CA CYS D 167 13.07 11.07 12.23
C CYS D 167 13.92 11.93 13.17
N ASP D 168 13.56 13.19 13.39
CA ASP D 168 14.33 14.05 14.29
C ASP D 168 14.18 13.53 15.71
N VAL D 169 15.15 12.73 16.16
CA VAL D 169 15.01 12.02 17.44
C VAL D 169 15.38 12.93 18.61
N ASN D 170 16.45 13.72 18.46
CA ASN D 170 16.88 14.63 19.51
C ASN D 170 16.18 15.98 19.43
N LYS D 171 15.28 16.16 18.48
CA LYS D 171 14.40 17.35 18.39
C LYS D 171 15.20 18.65 18.32
N ASP D 172 16.27 18.66 17.51
CA ASP D 172 17.07 19.87 17.33
C ASP D 172 16.74 20.60 16.03
N GLY D 173 15.88 20.05 15.18
CA GLY D 173 15.52 20.66 13.93
C GLY D 173 16.34 20.23 12.73
N LYS D 174 17.45 19.51 12.96
CA LYS D 174 18.27 18.95 11.90
C LYS D 174 18.09 17.44 11.84
N ILE D 175 18.30 16.86 10.67
CA ILE D 175 18.23 15.41 10.50
C ILE D 175 19.67 14.92 10.41
N GLN D 176 20.21 14.47 11.55
CA GLN D 176 21.57 13.94 11.55
C GLN D 176 21.65 12.70 10.68
N LYS D 177 22.88 12.37 10.29
CA LYS D 177 23.10 11.22 9.42
C LYS D 177 22.58 9.94 10.07
N SER D 178 22.77 9.79 11.38
CA SER D 178 22.33 8.57 12.06
C SER D 178 20.81 8.52 12.20
N GLU D 179 20.14 9.67 12.26
CA GLU D 179 18.69 9.66 12.40
C GLU D 179 18.01 9.20 11.11
N LEU D 180 18.59 9.54 9.96
CA LEU D 180 18.05 9.04 8.70
C LEU D 180 18.40 7.58 8.50
N ALA D 181 19.61 7.17 8.89
CA ALA D 181 20.01 5.79 8.75
C ALA D 181 19.07 4.85 9.51
N LEU D 182 18.77 5.19 10.77
CA LEU D 182 17.86 4.36 11.56
C LEU D 182 16.44 4.42 11.02
N CYS D 183 16.01 5.61 10.54
CA CYS D 183 14.69 5.69 9.94
C CYS D 183 14.58 4.75 8.73
N LEU D 184 15.65 4.62 7.95
CA LEU D 184 15.66 3.71 6.82
C LEU D 184 16.10 2.29 7.20
N GLY D 185 16.18 1.98 8.49
CA GLY D 185 16.48 0.63 8.92
C GLY D 185 17.86 0.13 8.59
N LEU D 186 18.85 1.02 8.58
CA LEU D 186 20.22 0.61 8.29
C LEU D 186 20.89 0.06 9.54
N LYS D 187 21.74 -0.95 9.33
CA LYS D 187 22.51 -1.53 10.43
C LYS D 187 23.51 -0.50 10.95
N ILE D 188 23.96 -0.71 12.18
CA ILE D 188 24.89 0.21 12.82
C ILE D 188 26.24 -0.46 13.04
CA CA E . 7.80 9.02 -31.62
CA CA F . 12.58 14.51 -22.54
CA CA G . -17.15 3.89 -26.04
CA CA H . -15.82 -7.00 -23.28
AS CAC I . 5.13 18.59 -15.16
O1 CAC I . 6.34 19.52 -14.51
O2 CAC I . 4.32 19.44 -16.34
C1 CAC I . 5.76 17.03 -16.04
C2 CAC I . 3.86 18.02 -13.84
CA CA J . 4.13 33.50 -2.68
CA CA K . -0.69 27.56 -11.56
CA CA L . 24.47 19.57 6.19
CA CA M . 18.11 15.69 14.83
#